data_2HU8
#
_entry.id   2HU8
#
_cell.length_a   64.810
_cell.length_b   103.922
_cell.length_c   169.255
_cell.angle_alpha   90.00
_cell.angle_beta   90.00
_cell.angle_gamma   90.00
#
_symmetry.space_group_name_H-M   'P 21 21 21'
#
loop_
_entity.id
_entity.type
_entity.pdbx_description
1 polymer 'Acylamino-acid-releasing enzyme'
2 non-polymer '2-AMINOBENZOIC ACID'
3 non-polymer GLYCINE
4 non-polymer PHENYLALANINE
5 water water
#
_entity_poly.entity_id   1
_entity_poly.type   'polypeptide(L)'
_entity_poly.pdbx_seq_one_letter_code
;MRIIMPVEFSRIVRDVERLIAVEKYSLQGVVDGDKLLVVGFSEGSVNAYLYDGGETVKLNREPINSVLDPHYGVGRVILV
RDVSKGAEQHALFKVNTSRPGEEQRLEAVKPMRILSGVDTGEAVVFTGATEDRVALYALDGGGLRELARLPGFGFVSDIR
GDLIAGLGFFGGGRVSLFTSNLSSGGLRVFDSGEGSFSSASISPGMKVTAGLETAREARLVTVDPRDGSVEDLELPSKDF
SSYRPTAITWLGYLPDGRLAVVARREGRSAVFIDGERVEAPQGNHGRVVLWRGKLVTSHTSLSTPPRIVSLPSGEPLLEG
GLPEDLRRSIAGSRLVWVESFDGSRVPTYVLESGRAPTPGPTVVLVHGGPFAEDSDSWDTFAASLAAAGFHVVMPNYRGS
TGYGEEWRLKIIGDPCGGELEDVSAAARWARESGLASELYIMGYAYGGYMTLCALTMKPGLFKAGVAGASVVDWEEMYEL
SDAAFRNFIEQLTGGSREIMRSRSPINHVDRIKEPLALIHPQNDSRTPLKPLLRLMGELLARGKTFEAHIIPDAGHAINT
MEDAVKILLPAVFFLATQRERR
;
_entity_poly.pdbx_strand_id   A,B
#
# COMPACT_ATOMS: atom_id res chain seq x y z
N GLU A 8 18.14 3.70 1.97
CA GLU A 8 17.84 5.16 2.03
C GLU A 8 16.53 5.43 1.30
N PHE A 9 15.47 4.77 1.75
CA PHE A 9 14.15 4.96 1.17
C PHE A 9 13.54 6.28 1.66
N SER A 10 14.11 6.84 2.72
CA SER A 10 13.67 8.14 3.23
C SER A 10 14.03 9.26 2.26
N ARG A 11 15.18 9.12 1.58
CA ARG A 11 15.59 10.07 0.55
C ARG A 11 14.70 9.97 -0.69
N ILE A 12 14.25 8.76 -1.00
CA ILE A 12 13.30 8.58 -2.10
C ILE A 12 12.00 9.33 -1.83
N VAL A 13 11.54 9.28 -0.59
CA VAL A 13 10.28 9.92 -0.20
C VAL A 13 10.35 11.42 -0.35
N ARG A 14 11.47 12.05 0.04
CA ARG A 14 11.57 13.50 -0.02
C ARG A 14 11.91 14.03 -1.41
N ASP A 15 12.40 13.15 -2.29
CA ASP A 15 12.50 13.49 -3.71
C ASP A 15 11.12 13.43 -4.37
N VAL A 16 10.36 12.39 -4.10
CA VAL A 16 9.00 12.28 -4.63
C VAL A 16 8.10 13.39 -4.09
N GLU A 17 8.24 13.68 -2.81
CA GLU A 17 7.45 14.72 -2.16
C GLU A 17 7.73 16.08 -2.76
N ARG A 18 9.00 16.35 -3.01
CA ARG A 18 9.43 17.65 -3.53
C ARG A 18 9.11 17.82 -5.01
N LEU A 19 9.16 16.72 -5.76
CA LEU A 19 8.85 16.75 -7.20
C LEU A 19 7.37 16.96 -7.43
N ILE A 20 6.57 16.31 -6.61
CA ILE A 20 5.12 16.46 -6.64
C ILE A 20 4.72 17.85 -6.18
N ALA A 21 5.46 18.36 -5.20
CA ALA A 21 5.14 19.64 -4.56
C ALA A 21 5.43 20.85 -5.44
N VAL A 22 6.40 20.72 -6.34
CA VAL A 22 6.74 21.81 -7.24
C VAL A 22 5.47 22.28 -7.92
N GLU A 23 5.21 23.58 -7.84
CA GLU A 23 3.97 24.11 -8.39
C GLU A 23 3.92 23.97 -9.92
N LYS A 24 2.73 23.59 -10.40
CA LYS A 24 2.50 23.35 -11.81
C LYS A 24 1.27 24.12 -12.26
N TYR A 25 1.33 24.71 -13.44
CA TYR A 25 0.27 25.61 -13.89
C TYR A 25 -0.14 25.37 -15.34
N SER A 26 -1.45 25.28 -15.56
CA SER A 26 -2.03 25.29 -16.90
C SER A 26 -2.74 26.63 -17.13
N LEU A 27 -2.61 27.18 -18.33
CA LEU A 27 -3.26 28.45 -18.68
C LEU A 27 -4.65 28.18 -19.24
N GLN A 28 -5.66 28.87 -18.72
CA GLN A 28 -7.06 28.61 -19.08
C GLN A 28 -7.73 29.75 -19.86
N GLY A 29 -7.37 31.00 -19.58
CA GLY A 29 -7.96 32.12 -20.30
C GLY A 29 -7.79 33.46 -19.60
N VAL A 30 -8.62 34.42 -19.96
CA VAL A 30 -8.58 35.76 -19.37
C VAL A 30 -9.96 36.18 -18.90
N VAL A 31 -10.03 36.73 -17.69
CA VAL A 31 -11.31 37.08 -17.06
C VAL A 31 -11.19 38.40 -16.31
N ASP A 32 -12.31 38.89 -15.81
CA ASP A 32 -12.31 40.04 -14.90
C ASP A 32 -11.58 41.23 -15.54
N GLY A 33 -11.88 41.50 -16.80
CA GLY A 33 -11.20 42.53 -17.55
C GLY A 33 -9.90 42.00 -18.17
N ASP A 34 -8.83 42.04 -17.39
CA ASP A 34 -7.54 41.53 -17.88
C ASP A 34 -6.70 40.93 -16.76
N LYS A 35 -7.21 39.82 -16.24
CA LYS A 35 -6.51 38.99 -15.28
C LYS A 35 -6.50 37.54 -15.77
N LEU A 36 -5.33 36.93 -15.80
CA LEU A 36 -5.21 35.53 -16.20
C LEU A 36 -5.93 34.57 -15.24
N LEU A 37 -6.62 33.60 -15.80
CA LEU A 37 -7.18 32.51 -15.02
C LEU A 37 -6.32 31.26 -15.22
N VAL A 38 -5.83 30.74 -14.11
CA VAL A 38 -4.91 29.61 -14.12
C VAL A 38 -5.46 28.51 -13.23
N VAL A 39 -5.32 27.26 -13.68
CA VAL A 39 -5.43 26.12 -12.76
C VAL A 39 -4.03 25.75 -12.32
N GLY A 40 -3.85 25.48 -11.03
CA GLY A 40 -2.55 25.12 -10.52
C GLY A 40 -2.56 24.13 -9.39
N PHE A 41 -1.78 23.06 -9.56
CA PHE A 41 -1.35 22.22 -8.46
C PHE A 41 -0.51 23.06 -7.52
N SER A 42 -1.05 23.38 -6.35
CA SER A 42 -0.43 24.36 -5.47
C SER A 42 -1.02 24.30 -4.07
N GLU A 43 -0.18 24.49 -3.07
CA GLU A 43 -0.63 24.44 -1.68
C GLU A 43 -1.31 23.11 -1.40
N GLY A 44 -0.85 22.06 -2.06
CA GLY A 44 -1.31 20.71 -1.77
C GLY A 44 -2.47 20.19 -2.60
N SER A 45 -2.96 20.98 -3.55
CA SER A 45 -4.16 20.60 -4.30
C SER A 45 -4.30 21.33 -5.63
N VAL A 46 -5.26 20.90 -6.44
CA VAL A 46 -5.61 21.63 -7.66
C VAL A 46 -6.60 22.72 -7.28
N ASN A 47 -6.25 23.95 -7.65
CA ASN A 47 -7.06 25.11 -7.34
C ASN A 47 -7.10 26.05 -8.53
N ALA A 48 -8.09 26.96 -8.53
CA ALA A 48 -8.18 27.96 -9.58
C ALA A 48 -7.70 29.29 -9.02
N TYR A 49 -6.93 30.03 -9.82
CA TYR A 49 -6.30 31.25 -9.36
C TYR A 49 -6.52 32.41 -10.31
N LEU A 50 -6.30 33.63 -9.79
CA LEU A 50 -6.18 34.80 -10.63
C LEU A 50 -4.75 35.31 -10.58
N TYR A 51 -4.28 35.86 -11.70
CA TYR A 51 -2.97 36.50 -11.73
C TYR A 51 -3.02 37.82 -12.46
N ASP A 52 -2.50 38.85 -11.80
CA ASP A 52 -2.46 40.21 -12.28
CA ASP A 52 -2.49 40.22 -12.22
C ASP A 52 -1.11 40.86 -12.00
N GLY A 53 -0.02 40.11 -12.01
CA GLY A 53 1.31 40.72 -11.87
C GLY A 53 1.95 40.61 -10.50
N GLY A 54 1.20 40.13 -9.51
CA GLY A 54 1.67 40.01 -8.14
C GLY A 54 1.45 38.62 -7.58
N GLU A 55 0.82 38.55 -6.41
CA GLU A 55 0.46 37.25 -5.81
C GLU A 55 -0.83 36.73 -6.43
N THR A 56 -1.01 35.41 -6.41
CA THR A 56 -2.25 34.81 -6.91
C THR A 56 -3.39 35.05 -5.91
N VAL A 57 -4.62 34.93 -6.40
CA VAL A 57 -5.80 35.00 -5.57
C VAL A 57 -6.61 33.72 -5.78
N LYS A 58 -6.80 32.97 -4.70
CA LYS A 58 -7.54 31.72 -4.75
C LYS A 58 -9.03 31.99 -4.91
N LEU A 59 -9.61 31.43 -5.96
CA LEU A 59 -11.04 31.60 -6.26
C LEU A 59 -11.89 30.56 -5.54
N ASN A 60 -11.45 29.31 -5.61
CA ASN A 60 -12.18 28.19 -5.02
C ASN A 60 -11.90 28.03 -3.53
N ARG A 61 -12.71 27.21 -2.87
CA ARG A 61 -12.48 26.83 -1.48
C ARG A 61 -11.82 25.46 -1.45
N GLU A 62 -12.64 24.41 -1.45
CA GLU A 62 -12.12 23.05 -1.50
C GLU A 62 -11.56 22.75 -2.89
N PRO A 63 -10.64 21.78 -2.97
CA PRO A 63 -10.05 21.39 -4.25
C PRO A 63 -11.05 21.12 -5.35
N ILE A 64 -10.63 21.45 -6.57
CA ILE A 64 -11.45 21.26 -7.76
C ILE A 64 -10.71 20.35 -8.73
N ASN A 65 -11.30 20.11 -9.90
CA ASN A 65 -10.68 19.29 -10.94
C ASN A 65 -10.33 20.07 -12.20
N SER A 66 -11.16 21.04 -12.56
CA SER A 66 -10.85 21.93 -13.66
C SER A 66 -11.77 23.15 -13.66
N VAL A 67 -11.60 23.99 -14.67
CA VAL A 67 -12.55 25.07 -14.95
C VAL A 67 -13.00 25.00 -16.39
N LEU A 68 -14.19 25.53 -16.65
CA LEU A 68 -14.69 25.72 -18.01
C LEU A 68 -13.94 26.87 -18.68
N ASP A 69 -13.81 26.81 -20.01
CA ASP A 69 -13.13 27.86 -20.77
C ASP A 69 -13.96 29.13 -20.74
N PRO A 70 -13.42 30.21 -20.18
CA PRO A 70 -14.11 31.49 -20.18
C PRO A 70 -13.88 32.25 -21.48
N HIS A 71 -14.90 32.97 -21.92
CA HIS A 71 -14.69 33.98 -22.95
C HIS A 71 -13.90 35.12 -22.32
N TYR A 72 -13.28 35.94 -23.15
CA TYR A 72 -12.42 37.00 -22.68
C TYR A 72 -13.19 38.01 -21.81
N GLY A 73 -12.55 38.41 -20.72
CA GLY A 73 -13.11 39.36 -19.75
C GLY A 73 -14.44 39.07 -19.07
N VAL A 74 -14.91 37.83 -19.11
CA VAL A 74 -16.13 37.46 -18.39
C VAL A 74 -15.90 37.58 -16.89
N GLY A 75 -16.96 37.91 -16.15
CA GLY A 75 -16.82 38.29 -14.75
C GLY A 75 -17.13 37.20 -13.72
N ARG A 76 -16.98 35.95 -14.13
CA ARG A 76 -17.17 34.80 -13.24
C ARG A 76 -16.33 33.61 -13.73
N VAL A 77 -16.30 32.56 -12.93
CA VAL A 77 -15.53 31.36 -13.24
C VAL A 77 -16.33 30.12 -12.82
N ILE A 78 -16.41 29.14 -13.71
CA ILE A 78 -17.14 27.91 -13.39
C ILE A 78 -16.17 26.82 -13.02
N LEU A 79 -16.15 26.48 -11.74
CA LEU A 79 -15.36 25.36 -11.25
C LEU A 79 -16.06 24.03 -11.55
N VAL A 80 -15.28 23.03 -11.90
CA VAL A 80 -15.77 21.66 -12.03
C VAL A 80 -15.21 20.85 -10.86
N ARG A 81 -16.08 20.34 -10.00
CA ARG A 81 -15.65 19.54 -8.85
C ARG A 81 -16.37 18.20 -8.76
N ASP A 82 -15.58 17.15 -8.69
CA ASP A 82 -16.02 15.82 -8.27
C ASP A 82 -16.71 15.88 -6.91
N VAL A 83 -17.97 15.45 -6.85
CA VAL A 83 -18.71 15.36 -5.58
C VAL A 83 -19.03 13.89 -5.25
N SER A 84 -18.16 12.98 -5.67
CA SER A 84 -18.38 11.54 -5.51
C SER A 84 -17.11 10.83 -5.04
N LYS A 85 -16.21 11.59 -4.42
CA LYS A 85 -14.97 11.06 -3.87
C LYS A 85 -14.16 10.27 -4.91
N GLY A 86 -14.13 10.78 -6.14
CA GLY A 86 -13.23 10.30 -7.17
C GLY A 86 -13.87 9.59 -8.35
N ALA A 87 -15.18 9.32 -8.28
CA ALA A 87 -15.87 8.59 -9.35
C ALA A 87 -16.22 9.49 -10.52
N GLU A 88 -15.91 10.78 -10.39
CA GLU A 88 -16.02 11.73 -11.48
C GLU A 88 -17.46 12.00 -11.91
N GLN A 89 -18.36 11.94 -10.94
CA GLN A 89 -19.64 12.62 -11.05
C GLN A 89 -19.43 14.04 -10.54
N HIS A 90 -19.28 14.97 -11.48
CA HIS A 90 -18.97 16.36 -11.17
C HIS A 90 -20.23 17.21 -11.01
N ALA A 91 -20.12 18.24 -10.17
CA ALA A 91 -21.07 19.34 -10.15
C ALA A 91 -20.35 20.64 -10.48
N LEU A 92 -21.11 21.62 -10.94
CA LEU A 92 -20.52 22.89 -11.34
C LEU A 92 -20.79 23.99 -10.33
N PHE A 93 -19.76 24.75 -10.00
CA PHE A 93 -19.87 25.84 -9.04
C PHE A 93 -19.43 27.16 -9.67
N LYS A 94 -20.24 28.20 -9.49
CA LYS A 94 -19.94 29.50 -10.04
C LYS A 94 -19.33 30.44 -8.99
N VAL A 95 -18.28 31.14 -9.39
CA VAL A 95 -17.57 32.04 -8.51
C VAL A 95 -17.43 33.40 -9.17
N ASN A 96 -18.01 34.42 -8.54
CA ASN A 96 -17.89 35.79 -9.00
C ASN A 96 -16.48 36.30 -8.70
N THR A 97 -15.84 36.89 -9.70
CA THR A 97 -14.42 37.23 -9.59
C THR A 97 -14.17 38.39 -8.62
N SER A 98 -15.21 39.16 -8.33
CA SER A 98 -15.16 40.20 -7.31
C SER A 98 -15.15 39.63 -5.89
N ARG A 99 -15.92 38.57 -5.66
CA ARG A 99 -15.91 37.87 -4.37
C ARG A 99 -15.29 36.49 -4.46
N PRO A 100 -13.97 36.41 -4.52
CA PRO A 100 -13.25 35.13 -4.53
C PRO A 100 -13.35 34.37 -3.21
N GLY A 101 -13.80 33.12 -3.29
CA GLY A 101 -13.89 32.26 -2.11
C GLY A 101 -15.32 31.91 -1.77
N GLU A 102 -16.25 32.55 -2.48
CA GLU A 102 -17.67 32.29 -2.30
C GLU A 102 -18.16 31.51 -3.51
N GLU A 103 -18.74 30.34 -3.27
CA GLU A 103 -19.18 29.47 -4.36
C GLU A 103 -20.70 29.31 -4.35
N GLN A 104 -21.26 29.22 -5.55
CA GLN A 104 -22.69 28.94 -5.70
C GLN A 104 -22.87 27.74 -6.63
N ARG A 105 -23.43 26.68 -6.08
CA ARG A 105 -23.68 25.46 -6.84
C ARG A 105 -24.77 25.66 -7.87
N LEU A 106 -24.58 25.11 -9.07
CA LEU A 106 -25.59 25.16 -10.12
C LEU A 106 -26.48 23.93 -10.02
N GLU A 107 -27.52 24.04 -9.21
CA GLU A 107 -28.40 22.91 -8.86
C GLU A 107 -29.16 22.33 -10.06
N ALA A 108 -29.36 23.13 -11.10
CA ALA A 108 -30.07 22.67 -12.29
C ALA A 108 -29.34 21.54 -13.01
N VAL A 109 -28.02 21.54 -12.92
CA VAL A 109 -27.18 20.48 -13.46
C VAL A 109 -26.90 19.42 -12.40
N LYS A 110 -27.56 18.28 -12.54
CA LYS A 110 -27.32 17.10 -11.72
C LYS A 110 -25.94 16.52 -11.95
N PRO A 111 -25.38 15.86 -10.94
CA PRO A 111 -24.06 15.23 -11.06
C PRO A 111 -23.96 14.32 -12.27
N MET A 112 -22.94 14.57 -13.09
CA MET A 112 -22.61 13.74 -14.25
C MET A 112 -21.11 13.89 -14.53
N ARG A 113 -20.56 13.02 -15.37
CA ARG A 113 -19.17 13.19 -15.80
C ARG A 113 -19.08 14.36 -16.79
N ILE A 114 -18.53 15.48 -16.32
CA ILE A 114 -18.34 16.67 -17.14
C ILE A 114 -17.05 16.52 -17.96
N LEU A 115 -17.18 16.55 -19.28
CA LEU A 115 -16.06 16.31 -20.22
C LEU A 115 -15.43 17.60 -20.74
N SER A 116 -16.23 18.65 -20.85
CA SER A 116 -15.72 19.94 -21.34
C SER A 116 -16.76 21.03 -21.18
N GLY A 117 -16.38 22.27 -21.49
CA GLY A 117 -17.34 23.35 -21.48
C GLY A 117 -16.78 24.74 -21.71
N VAL A 118 -17.65 25.63 -22.18
CA VAL A 118 -17.32 27.03 -22.36
C VAL A 118 -18.37 27.89 -21.67
N ASP A 119 -17.92 28.97 -21.03
CA ASP A 119 -18.83 29.95 -20.43
C ASP A 119 -18.78 31.24 -21.25
N THR A 120 -19.93 31.63 -21.81
CA THR A 120 -20.04 32.87 -22.58
C THR A 120 -20.40 34.08 -21.72
N GLY A 121 -20.75 33.84 -20.47
CA GLY A 121 -21.17 34.89 -19.56
C GLY A 121 -22.68 34.91 -19.38
N GLU A 122 -23.39 34.58 -20.46
CA GLU A 122 -24.83 34.43 -20.41
C GLU A 122 -25.23 32.96 -20.39
N ALA A 123 -24.36 32.09 -20.89
CA ALA A 123 -24.68 30.68 -21.04
C ALA A 123 -23.49 29.77 -20.80
N VAL A 124 -23.73 28.72 -20.03
CA VAL A 124 -22.74 27.69 -19.75
C VAL A 124 -23.02 26.47 -20.61
N VAL A 125 -22.19 26.26 -21.62
CA VAL A 125 -22.35 25.11 -22.54
C VAL A 125 -21.29 24.05 -22.27
N PHE A 126 -21.73 22.80 -22.19
CA PHE A 126 -20.83 21.74 -21.80
C PHE A 126 -21.24 20.38 -22.37
N THR A 127 -20.31 19.45 -22.35
CA THR A 127 -20.61 18.06 -22.68
C THR A 127 -20.52 17.21 -21.42
N GLY A 128 -21.39 16.23 -21.32
CA GLY A 128 -21.50 15.42 -20.13
C GLY A 128 -21.98 14.02 -20.43
N ALA A 129 -21.47 13.06 -19.67
CA ALA A 129 -21.87 11.67 -19.83
C ALA A 129 -22.59 11.21 -18.58
N THR A 130 -23.71 10.51 -18.80
CA THR A 130 -24.42 9.82 -17.74
C THR A 130 -24.43 8.35 -18.09
N GLU A 131 -25.13 7.55 -17.30
CA GLU A 131 -25.23 6.12 -17.58
C GLU A 131 -25.85 5.87 -18.95
N ASP A 132 -26.92 6.59 -19.27
CA ASP A 132 -27.69 6.30 -20.47
C ASP A 132 -27.19 7.01 -21.74
N ARG A 133 -26.52 8.15 -21.61
CA ARG A 133 -26.09 8.88 -22.81
C ARG A 133 -25.01 9.93 -22.60
N VAL A 134 -24.36 10.27 -23.71
CA VAL A 134 -23.46 11.43 -23.77
C VAL A 134 -24.22 12.51 -24.50
N ALA A 135 -24.11 13.75 -24.02
CA ALA A 135 -24.90 14.84 -24.60
C ALA A 135 -24.26 16.22 -24.45
N LEU A 136 -24.76 17.14 -25.26
CA LEU A 136 -24.35 18.52 -25.24
C LEU A 136 -25.46 19.36 -24.60
N TYR A 137 -25.09 20.17 -23.61
CA TYR A 137 -26.05 20.90 -22.78
C TYR A 137 -25.84 22.41 -22.87
N ALA A 138 -26.89 23.17 -22.58
CA ALA A 138 -26.77 24.61 -22.39
C ALA A 138 -27.52 25.06 -21.14
N LEU A 139 -26.84 25.81 -20.28
CA LEU A 139 -27.47 26.37 -19.08
C LEU A 139 -27.44 27.89 -19.10
N ASP A 140 -28.60 28.49 -19.32
CA ASP A 140 -28.75 29.94 -19.25
C ASP A 140 -29.78 30.33 -18.19
N GLY A 141 -30.27 31.56 -18.26
CA GLY A 141 -31.13 32.10 -17.23
C GLY A 141 -32.53 31.53 -17.24
N GLY A 142 -32.85 30.79 -18.31
CA GLY A 142 -34.14 30.13 -18.43
C GLY A 142 -34.04 28.63 -18.26
N GLY A 143 -33.05 28.15 -17.50
CA GLY A 143 -32.92 26.75 -17.18
C GLY A 143 -31.92 25.99 -18.01
N LEU A 144 -31.95 24.67 -17.87
CA LEU A 144 -31.05 23.77 -18.58
C LEU A 144 -31.75 23.12 -19.76
N ARG A 145 -31.04 23.02 -20.88
CA ARG A 145 -31.56 22.33 -22.06
C ARG A 145 -30.56 21.32 -22.63
N GLU A 146 -31.08 20.18 -23.07
CA GLU A 146 -30.31 19.24 -23.86
C GLU A 146 -30.32 19.67 -25.31
N LEU A 147 -29.17 20.08 -25.82
CA LEU A 147 -29.05 20.55 -27.19
C LEU A 147 -29.00 19.42 -28.19
N ALA A 148 -28.28 18.35 -27.87
CA ALA A 148 -28.10 17.21 -28.76
C ALA A 148 -27.48 16.00 -28.06
N ARG A 149 -27.76 14.82 -28.57
CA ARG A 149 -27.11 13.61 -28.11
C ARG A 149 -25.95 13.23 -29.00
N LEU A 150 -24.86 12.77 -28.38
CA LEU A 150 -23.66 12.37 -29.08
C LEU A 150 -23.47 10.84 -29.05
N PRO A 151 -22.85 10.31 -30.11
CA PRO A 151 -22.51 8.88 -30.18
C PRO A 151 -21.49 8.47 -29.14
N GLY A 152 -20.52 9.34 -28.91
CA GLY A 152 -19.47 9.07 -27.94
C GLY A 152 -18.83 10.33 -27.37
N PHE A 153 -17.64 10.18 -26.81
CA PHE A 153 -16.88 11.30 -26.29
C PHE A 153 -17.01 12.50 -27.23
N GLY A 154 -17.26 13.67 -26.65
CA GLY A 154 -17.40 14.89 -27.42
C GLY A 154 -16.99 16.09 -26.61
N PHE A 155 -16.39 17.08 -27.27
CA PHE A 155 -15.72 18.18 -26.59
C PHE A 155 -16.04 19.52 -27.20
N VAL A 156 -16.55 20.43 -26.38
CA VAL A 156 -16.78 21.80 -26.84
C VAL A 156 -15.44 22.47 -27.10
N SER A 157 -15.27 23.02 -28.30
CA SER A 157 -14.02 23.67 -28.67
C SER A 157 -14.15 25.18 -28.63
N ASP A 158 -15.30 25.69 -29.09
CA ASP A 158 -15.48 27.13 -29.24
C ASP A 158 -16.93 27.57 -29.50
N ILE A 159 -17.27 28.76 -29.02
CA ILE A 159 -18.56 29.37 -29.30
C ILE A 159 -18.40 30.82 -29.76
N ARG A 160 -19.02 31.15 -30.88
CA ARG A 160 -19.11 32.52 -31.36
C ARG A 160 -20.55 32.81 -31.72
N GLY A 161 -21.19 33.69 -30.97
CA GLY A 161 -22.60 33.97 -31.16
C GLY A 161 -23.47 32.74 -30.90
N ASP A 162 -24.19 32.31 -31.93
CA ASP A 162 -25.13 31.20 -31.82
C ASP A 162 -24.51 29.88 -32.23
N LEU A 163 -23.28 29.92 -32.77
CA LEU A 163 -22.63 28.72 -33.28
C LEU A 163 -21.72 28.05 -32.25
N ILE A 164 -21.93 26.74 -32.07
CA ILE A 164 -21.10 25.92 -31.20
C ILE A 164 -20.36 24.87 -32.02
N ALA A 165 -19.04 24.88 -31.93
CA ALA A 165 -18.22 23.92 -32.65
C ALA A 165 -17.50 23.01 -31.67
N GLY A 166 -17.20 21.80 -32.11
CA GLY A 166 -16.58 20.83 -31.22
C GLY A 166 -15.97 19.64 -31.92
N LEU A 167 -15.37 18.75 -31.14
CA LEU A 167 -14.72 17.56 -31.67
C LEU A 167 -15.36 16.31 -31.11
N GLY A 168 -15.59 15.32 -31.95
CA GLY A 168 -16.28 14.11 -31.56
C GLY A 168 -15.58 12.83 -31.93
N PHE A 169 -15.31 12.00 -30.93
CA PHE A 169 -14.82 10.64 -31.15
C PHE A 169 -16.00 9.71 -31.38
N PHE A 170 -16.52 9.74 -32.62
CA PHE A 170 -17.81 9.17 -32.95
C PHE A 170 -17.79 7.86 -33.74
N GLY A 171 -16.60 7.37 -34.09
CA GLY A 171 -16.50 6.07 -34.74
C GLY A 171 -15.13 5.74 -35.31
N GLY A 172 -14.64 4.54 -34.99
CA GLY A 172 -13.48 3.98 -35.64
C GLY A 172 -12.14 4.62 -35.28
N GLY A 173 -12.11 5.34 -34.17
CA GLY A 173 -10.92 6.06 -33.76
C GLY A 173 -10.82 7.46 -34.34
N ARG A 174 -11.68 7.76 -35.31
CA ARG A 174 -11.62 9.03 -36.01
C ARG A 174 -12.25 10.17 -35.21
N VAL A 175 -11.73 11.38 -35.40
CA VAL A 175 -12.26 12.55 -34.75
C VAL A 175 -13.01 13.41 -35.77
N SER A 176 -14.31 13.56 -35.54
CA SER A 176 -15.17 14.39 -36.36
C SER A 176 -15.22 15.82 -35.85
N LEU A 177 -15.71 16.71 -36.69
CA LEU A 177 -16.15 18.02 -36.26
C LEU A 177 -17.66 17.98 -36.12
N PHE A 178 -18.21 18.62 -35.08
CA PHE A 178 -19.66 18.79 -34.97
C PHE A 178 -20.03 20.23 -34.63
N THR A 179 -21.16 20.67 -35.16
CA THR A 179 -21.74 21.96 -34.80
C THR A 179 -23.10 21.81 -34.15
N SER A 180 -23.52 22.87 -33.48
CA SER A 180 -24.88 22.99 -32.96
C SER A 180 -25.22 24.47 -32.80
N ASN A 181 -26.49 24.80 -32.57
CA ASN A 181 -26.86 26.17 -32.29
C ASN A 181 -27.26 26.38 -30.82
N LEU A 182 -26.75 27.46 -30.23
CA LEU A 182 -26.95 27.72 -28.81
C LEU A 182 -28.43 27.92 -28.47
N SER A 183 -29.21 28.43 -29.41
CA SER A 183 -30.61 28.75 -29.15
C SER A 183 -31.61 27.63 -29.48
N SER A 184 -31.32 26.83 -30.52
CA SER A 184 -32.23 25.80 -31.00
C SER A 184 -31.67 24.38 -30.90
N GLY A 185 -30.41 24.27 -30.49
CA GLY A 185 -29.73 22.99 -30.45
C GLY A 185 -29.57 22.36 -31.81
N GLY A 186 -29.65 21.03 -31.86
CA GLY A 186 -29.43 20.30 -33.08
C GLY A 186 -28.02 19.75 -33.15
N LEU A 187 -27.70 19.05 -34.24
CA LEU A 187 -26.36 18.52 -34.45
C LEU A 187 -26.07 18.23 -35.93
N ARG A 188 -25.03 18.85 -36.45
CA ARG A 188 -24.47 18.49 -37.75
C ARG A 188 -23.11 17.87 -37.52
N VAL A 189 -22.75 16.86 -38.32
CA VAL A 189 -21.46 16.19 -38.19
C VAL A 189 -20.70 16.14 -39.52
N PHE A 190 -19.42 16.46 -39.46
CA PHE A 190 -18.56 16.54 -40.64
C PHE A 190 -17.33 15.65 -40.46
N ASP A 191 -17.13 14.72 -41.40
CA ASP A 191 -15.99 13.82 -41.34
C ASP A 191 -15.07 14.01 -42.55
N SER A 192 -13.76 13.89 -42.31
CA SER A 192 -12.76 13.98 -43.37
C SER A 192 -12.42 12.56 -43.87
N GLY A 193 -12.25 12.44 -45.17
CA GLY A 193 -11.82 11.17 -45.74
C GLY A 193 -10.31 10.98 -45.62
N GLU A 194 -9.62 12.06 -45.28
CA GLU A 194 -8.16 12.04 -45.17
C GLU A 194 -7.66 11.78 -43.74
N GLY A 195 -8.45 12.13 -42.74
CA GLY A 195 -8.02 11.98 -41.37
C GLY A 195 -8.95 12.53 -40.31
N SER A 196 -8.36 13.02 -39.22
CA SER A 196 -9.09 13.44 -38.03
C SER A 196 -8.79 14.89 -37.63
N PHE A 197 -9.83 15.62 -37.23
CA PHE A 197 -9.68 16.99 -36.75
C PHE A 197 -9.17 17.01 -35.31
N SER A 198 -8.17 17.85 -35.05
CA SER A 198 -7.50 17.87 -33.74
C SER A 198 -7.86 19.10 -32.91
N SER A 199 -8.17 20.21 -33.59
CA SER A 199 -8.57 21.44 -32.91
CA SER A 199 -8.56 21.46 -32.91
C SER A 199 -9.55 22.24 -33.77
N ALA A 200 -10.29 23.13 -33.12
CA ALA A 200 -11.31 23.93 -33.81
C ALA A 200 -11.50 25.32 -33.19
N SER A 201 -11.81 26.29 -34.05
CA SER A 201 -12.16 27.64 -33.60
C SER A 201 -12.93 28.38 -34.68
N ILE A 202 -13.94 29.12 -34.27
CA ILE A 202 -14.83 29.79 -35.20
C ILE A 202 -14.27 31.17 -35.59
N SER A 203 -14.00 31.35 -36.87
CA SER A 203 -13.51 32.63 -37.39
C SER A 203 -14.58 33.70 -37.34
N PRO A 204 -14.17 34.96 -37.45
CA PRO A 204 -15.10 36.09 -37.63
C PRO A 204 -16.16 35.83 -38.70
N GLY A 205 -15.78 35.17 -39.79
CA GLY A 205 -16.70 34.86 -40.88
C GLY A 205 -17.65 33.70 -40.64
N MET A 206 -17.76 33.27 -39.39
CA MET A 206 -18.62 32.16 -38.96
C MET A 206 -18.36 30.84 -39.70
N LYS A 207 -17.13 30.65 -40.15
CA LYS A 207 -16.70 29.32 -40.58
C LYS A 207 -15.90 28.67 -39.45
N VAL A 208 -15.59 27.38 -39.58
CA VAL A 208 -14.82 26.68 -38.56
C VAL A 208 -13.42 26.38 -39.08
N THR A 209 -12.43 27.10 -38.55
CA THR A 209 -11.03 26.79 -38.77
C THR A 209 -10.67 25.58 -37.93
N ALA A 210 -9.96 24.63 -38.53
CA ALA A 210 -9.68 23.37 -37.84
C ALA A 210 -8.38 22.72 -38.31
N GLY A 211 -7.64 22.16 -37.35
CA GLY A 211 -6.49 21.35 -37.66
C GLY A 211 -6.89 19.98 -38.17
N LEU A 212 -6.30 19.58 -39.29
CA LEU A 212 -6.60 18.30 -39.90
C LEU A 212 -5.34 17.45 -39.96
N GLU A 213 -5.29 16.42 -39.14
CA GLU A 213 -4.16 15.51 -39.10
C GLU A 213 -4.41 14.35 -40.05
N THR A 214 -3.58 14.24 -41.09
CA THR A 214 -3.68 13.15 -42.05
C THR A 214 -2.54 12.16 -41.84
N ALA A 215 -2.49 11.13 -42.67
CA ALA A 215 -1.40 10.16 -42.65
C ALA A 215 -0.05 10.87 -42.65
N ARG A 216 0.08 11.84 -43.55
CA ARG A 216 1.34 12.56 -43.75
C ARG A 216 1.41 13.82 -42.89
N GLU A 217 1.44 15.00 -43.51
CA GLU A 217 1.45 16.26 -42.79
C GLU A 217 0.13 16.52 -42.08
N ALA A 218 0.14 17.56 -41.26
CA ALA A 218 -1.08 18.16 -40.72
C ALA A 218 -1.20 19.54 -41.34
N ARG A 219 -2.42 20.03 -41.50
CA ARG A 219 -2.63 21.36 -42.09
C ARG A 219 -3.93 22.03 -41.63
N LEU A 220 -4.04 23.32 -41.92
CA LEU A 220 -5.24 24.07 -41.54
C LEU A 220 -6.26 24.07 -42.67
N VAL A 221 -7.53 23.89 -42.28
CA VAL A 221 -8.63 23.91 -43.23
C VAL A 221 -9.79 24.73 -42.71
N THR A 222 -10.72 25.03 -43.61
CA THR A 222 -11.87 25.90 -43.34
C THR A 222 -13.13 25.15 -43.73
N VAL A 223 -13.94 24.82 -42.72
CA VAL A 223 -15.20 24.12 -42.96
C VAL A 223 -16.38 25.08 -42.88
N ASP A 224 -17.22 25.08 -43.90
CA ASP A 224 -18.49 25.79 -43.85
C ASP A 224 -19.51 24.86 -43.21
N PRO A 225 -20.08 25.27 -42.07
CA PRO A 225 -21.07 24.44 -41.38
C PRO A 225 -22.44 24.45 -42.06
N ARG A 226 -22.61 25.29 -43.08
CA ARG A 226 -23.89 25.46 -43.76
C ARG A 226 -24.09 24.47 -44.90
N ASP A 227 -22.99 24.08 -45.56
CA ASP A 227 -23.05 23.10 -46.66
C ASP A 227 -21.98 22.00 -46.57
N GLY A 228 -21.26 21.95 -45.46
CA GLY A 228 -20.30 20.89 -45.19
C GLY A 228 -19.02 20.92 -46.01
N SER A 229 -18.77 22.02 -46.70
CA SER A 229 -17.65 22.10 -47.64
C SER A 229 -16.31 22.33 -46.94
N VAL A 230 -15.22 21.96 -47.61
CA VAL A 230 -13.85 22.09 -47.06
C VAL A 230 -12.88 22.76 -48.04
N GLU A 231 -11.88 23.44 -47.49
CA GLU A 231 -10.81 24.01 -48.29
C GLU A 231 -9.59 24.30 -47.42
N ASP A 232 -8.41 24.36 -48.03
CA ASP A 232 -7.19 24.67 -47.30
C ASP A 232 -7.16 26.14 -46.91
N LEU A 233 -6.86 26.41 -45.63
CA LEU A 233 -6.70 27.79 -45.16
C LEU A 233 -5.28 28.24 -45.40
N GLU A 234 -5.12 29.30 -46.18
CA GLU A 234 -3.80 29.90 -46.41
C GLU A 234 -3.67 31.14 -45.53
N LEU A 235 -2.48 31.31 -44.94
CA LEU A 235 -2.22 32.39 -43.99
C LEU A 235 -1.26 33.40 -44.61
N PRO A 236 -1.22 34.61 -44.07
CA PRO A 236 -0.35 35.66 -44.60
C PRO A 236 1.14 35.27 -44.62
N SER A 237 1.62 34.68 -43.53
CA SER A 237 3.01 34.23 -43.43
C SER A 237 3.10 32.72 -43.60
N LYS A 238 4.19 32.24 -44.20
CA LYS A 238 4.32 30.82 -44.53
C LYS A 238 5.36 30.09 -43.71
N ASP A 239 5.59 30.54 -42.48
CA ASP A 239 6.44 29.78 -41.56
C ASP A 239 5.74 28.50 -41.15
N PHE A 240 4.42 28.57 -40.96
CA PHE A 240 3.63 27.43 -40.50
C PHE A 240 3.64 26.32 -41.55
N SER A 241 3.42 26.70 -42.80
CA SER A 241 3.43 25.74 -43.89
C SER A 241 4.80 25.09 -44.06
N SER A 242 5.84 25.91 -43.92
CA SER A 242 7.21 25.45 -44.09
C SER A 242 7.77 24.73 -42.85
N TYR A 243 7.01 24.74 -41.76
CA TYR A 243 7.38 24.02 -40.55
C TYR A 243 7.05 22.53 -40.71
N ARG A 244 6.07 22.26 -41.57
CA ARG A 244 5.66 20.89 -41.88
C ARG A 244 5.29 20.12 -40.62
N PRO A 245 4.31 20.62 -39.87
CA PRO A 245 3.87 19.96 -38.65
C PRO A 245 3.27 18.59 -38.95
N THR A 246 3.45 17.66 -38.03
CA THR A 246 2.80 16.37 -38.16
C THR A 246 1.56 16.28 -37.28
N ALA A 247 1.30 17.34 -36.50
CA ALA A 247 0.13 17.41 -35.62
C ALA A 247 -0.16 18.84 -35.19
N ILE A 248 -1.41 19.11 -34.85
CA ILE A 248 -1.81 20.43 -34.36
C ILE A 248 -2.46 20.35 -32.97
N THR A 249 -1.80 20.98 -32.01
CA THR A 249 -2.16 20.91 -30.60
C THR A 249 -3.43 21.68 -30.29
N TRP A 250 -3.44 22.93 -30.74
CA TRP A 250 -4.49 23.87 -30.36
C TRP A 250 -4.51 25.06 -31.32
N LEU A 251 -5.69 25.60 -31.57
CA LEU A 251 -5.81 26.88 -32.25
C LEU A 251 -6.94 27.71 -31.65
N GLY A 252 -6.91 29.01 -31.93
CA GLY A 252 -7.94 29.89 -31.43
C GLY A 252 -7.72 31.32 -31.83
N TYR A 253 -8.82 32.01 -32.14
CA TYR A 253 -8.77 33.42 -32.52
C TYR A 253 -8.64 34.32 -31.30
N LEU A 254 -7.61 35.16 -31.31
CA LEU A 254 -7.44 36.18 -30.28
C LEU A 254 -8.48 37.28 -30.47
N PRO A 255 -8.74 38.06 -29.42
CA PRO A 255 -9.73 39.14 -29.48
C PRO A 255 -9.46 40.21 -30.53
N ASP A 256 -8.21 40.34 -30.97
CA ASP A 256 -7.87 41.29 -32.04
C ASP A 256 -8.01 40.70 -33.45
N GLY A 257 -8.43 39.43 -33.55
CA GLY A 257 -8.71 38.80 -34.83
C GLY A 257 -7.64 37.85 -35.37
N ARG A 258 -6.43 37.93 -34.83
CA ARG A 258 -5.31 37.10 -35.29
C ARG A 258 -5.48 35.65 -34.86
N LEU A 259 -5.07 34.73 -35.74
CA LEU A 259 -5.17 33.30 -35.44
C LEU A 259 -3.90 32.77 -34.82
N ALA A 260 -3.99 32.44 -33.52
CA ALA A 260 -2.90 31.74 -32.82
C ALA A 260 -3.00 30.24 -33.08
N VAL A 261 -1.86 29.63 -33.40
CA VAL A 261 -1.79 28.18 -33.64
C VAL A 261 -0.55 27.59 -32.97
N VAL A 262 -0.75 26.49 -32.26
CA VAL A 262 0.36 25.69 -31.73
C VAL A 262 0.40 24.36 -32.47
N ALA A 263 1.51 24.09 -33.14
CA ALA A 263 1.69 22.86 -33.90
C ALA A 263 2.98 22.15 -33.49
N ARG A 264 3.04 20.84 -33.70
CA ARG A 264 4.21 20.09 -33.27
C ARG A 264 4.68 19.02 -34.24
N ARG A 265 5.95 18.65 -34.07
CA ARG A 265 6.53 17.48 -34.71
C ARG A 265 7.64 16.90 -33.83
N GLU A 266 7.69 15.59 -33.75
CA GLU A 266 8.73 14.90 -32.98
C GLU A 266 8.74 15.34 -31.52
N GLY A 267 7.55 15.55 -30.96
CA GLY A 267 7.38 15.82 -29.54
C GLY A 267 7.70 17.25 -29.11
N ARG A 268 7.81 18.16 -30.06
CA ARG A 268 8.12 19.54 -29.76
C ARG A 268 7.24 20.48 -30.55
N SER A 269 6.68 21.48 -29.87
CA SER A 269 5.74 22.40 -30.51
C SER A 269 6.38 23.75 -30.85
N ALA A 270 5.58 24.60 -31.49
CA ALA A 270 6.02 25.93 -31.92
C ALA A 270 4.80 26.82 -32.11
N VAL A 271 4.91 28.08 -31.73
CA VAL A 271 3.78 29.01 -31.80
C VAL A 271 3.79 29.80 -33.10
N PHE A 272 2.61 30.08 -33.63
CA PHE A 272 2.44 30.80 -34.89
C PHE A 272 1.28 31.78 -34.80
N ILE A 273 1.55 33.04 -35.07
CA ILE A 273 0.51 34.07 -35.10
C ILE A 273 0.31 34.53 -36.53
N ASP A 274 -0.87 34.23 -37.08
CA ASP A 274 -1.18 34.49 -38.50
C ASP A 274 -0.12 33.88 -39.41
N GLY A 275 0.27 32.65 -39.10
CA GLY A 275 1.22 31.90 -39.90
C GLY A 275 2.69 32.16 -39.59
N GLU A 276 2.96 33.19 -38.80
CA GLU A 276 4.33 33.62 -38.54
C GLU A 276 4.89 33.07 -37.24
N ARG A 277 6.10 32.55 -37.30
CA ARG A 277 6.76 31.99 -36.13
C ARG A 277 6.90 33.04 -35.03
N VAL A 278 6.55 32.66 -33.82
CA VAL A 278 6.87 33.43 -32.63
C VAL A 278 7.72 32.56 -31.73
N GLU A 279 8.82 33.12 -31.25
CA GLU A 279 9.79 32.34 -30.52
C GLU A 279 9.23 31.94 -29.16
N ALA A 280 9.54 30.71 -28.76
CA ALA A 280 9.07 30.17 -27.50
C ALA A 280 10.12 29.23 -26.94
N PRO A 281 10.15 29.08 -25.62
CA PRO A 281 11.07 28.15 -24.98
C PRO A 281 10.90 26.72 -25.51
N GLN A 282 12.01 26.03 -25.65
CA GLN A 282 12.01 24.68 -26.19
C GLN A 282 11.23 23.70 -25.32
N GLY A 283 10.30 23.00 -25.94
CA GLY A 283 9.42 22.06 -25.25
C GLY A 283 8.05 22.02 -25.90
N ASN A 284 7.01 22.02 -25.07
CA ASN A 284 5.64 22.06 -25.56
C ASN A 284 4.80 23.16 -24.94
N HIS A 285 3.85 23.67 -25.71
CA HIS A 285 3.07 24.81 -25.29
C HIS A 285 1.58 24.51 -25.34
N GLY A 286 0.83 25.17 -24.47
CA GLY A 286 -0.61 25.02 -24.42
C GLY A 286 -1.29 26.13 -25.21
N ARG A 287 -2.45 26.55 -24.74
CA ARG A 287 -3.22 27.59 -25.43
C ARG A 287 -2.49 28.93 -25.33
N VAL A 288 -2.82 29.82 -26.25
CA VAL A 288 -2.24 31.16 -26.25
C VAL A 288 -3.31 32.20 -26.01
N VAL A 289 -3.00 33.20 -25.20
CA VAL A 289 -3.94 34.27 -24.91
C VAL A 289 -3.29 35.63 -24.99
N LEU A 290 -4.13 36.66 -25.14
CA LEU A 290 -3.67 38.04 -25.21
C LEU A 290 -3.98 38.73 -23.90
N TRP A 291 -2.93 39.13 -23.19
CA TRP A 291 -3.04 39.69 -21.85
C TRP A 291 -2.29 41.02 -21.78
N ARG A 292 -3.03 42.12 -21.68
CA ARG A 292 -2.46 43.47 -21.66
C ARG A 292 -1.58 43.73 -22.88
N GLY A 293 -2.05 43.27 -24.04
CA GLY A 293 -1.37 43.51 -25.30
C GLY A 293 -0.27 42.53 -25.65
N LYS A 294 0.08 41.67 -24.70
CA LYS A 294 1.21 40.77 -24.85
CA LYS A 294 1.22 40.76 -24.85
C LYS A 294 0.73 39.33 -24.97
N LEU A 295 1.54 38.51 -25.63
CA LEU A 295 1.22 37.08 -25.80
C LEU A 295 1.63 36.29 -24.57
N VAL A 296 0.82 35.28 -24.23
CA VAL A 296 1.04 34.47 -23.03
C VAL A 296 0.56 33.04 -23.27
N THR A 297 1.41 32.07 -22.97
CA THR A 297 1.03 30.66 -23.07
C THR A 297 1.65 29.85 -21.94
N SER A 298 1.28 28.56 -21.85
CA SER A 298 1.95 27.66 -20.93
C SER A 298 3.14 27.01 -21.63
N HIS A 299 4.14 26.64 -20.83
CA HIS A 299 5.31 25.94 -21.34
C HIS A 299 5.70 24.80 -20.42
N THR A 300 6.17 23.73 -21.03
CA THR A 300 6.70 22.62 -20.26
C THR A 300 7.79 21.90 -21.04
N SER A 301 8.54 21.08 -20.33
CA SER A 301 9.54 20.23 -20.95
C SER A 301 9.91 19.15 -19.96
N LEU A 302 10.78 18.24 -20.37
CA LEU A 302 11.20 17.13 -19.51
C LEU A 302 12.00 17.62 -18.30
N SER A 303 12.56 18.82 -18.41
CA SER A 303 13.32 19.43 -17.32
C SER A 303 12.58 20.61 -16.68
N THR A 304 11.37 20.87 -17.14
CA THR A 304 10.62 22.05 -16.70
C THR A 304 9.14 21.77 -16.42
N PRO A 305 8.74 21.73 -15.16
CA PRO A 305 7.32 21.62 -14.81
C PRO A 305 6.47 22.73 -15.42
N PRO A 306 5.22 22.42 -15.77
CA PRO A 306 4.35 23.40 -16.42
C PRO A 306 4.35 24.75 -15.74
N ARG A 307 4.39 25.80 -16.57
CA ARG A 307 4.51 27.17 -16.10
C ARG A 307 3.87 28.14 -17.10
N ILE A 308 3.61 29.37 -16.65
CA ILE A 308 3.07 30.40 -17.54
C ILE A 308 4.20 31.35 -17.90
N VAL A 309 4.41 31.58 -19.19
CA VAL A 309 5.45 32.50 -19.66
C VAL A 309 4.94 33.49 -20.71
N SER A 310 5.66 34.62 -20.79
CA SER A 310 5.45 35.63 -21.80
C SER A 310 6.20 35.23 -23.08
N LEU A 311 5.72 35.70 -24.22
CA LEU A 311 6.42 35.50 -25.50
C LEU A 311 6.57 36.87 -26.17
N PRO A 312 7.65 37.08 -26.92
CA PRO A 312 8.63 36.04 -27.28
C PRO A 312 9.80 35.83 -26.32
N SER A 313 9.90 36.63 -25.27
CA SER A 313 11.06 36.60 -24.38
C SER A 313 11.24 35.29 -23.62
N GLY A 314 10.13 34.72 -23.18
CA GLY A 314 10.14 33.49 -22.41
C GLY A 314 10.28 33.70 -20.90
N GLU A 315 10.05 34.93 -20.44
CA GLU A 315 10.11 35.25 -19.02
C GLU A 315 8.88 34.68 -18.30
N PRO A 316 9.06 34.15 -17.09
CA PRO A 316 7.97 33.48 -16.36
C PRO A 316 7.07 34.37 -15.50
N LEU A 317 5.76 34.24 -15.63
CA LEU A 317 4.79 34.93 -14.76
C LEU A 317 4.37 34.07 -13.56
N LEU A 318 4.40 32.76 -13.76
CA LEU A 318 4.09 31.75 -12.77
C LEU A 318 4.88 30.50 -13.10
N GLU A 319 5.98 30.35 -12.39
CA GLU A 319 6.82 29.18 -12.44
C GLU A 319 6.93 28.57 -11.05
N GLY A 320 6.73 27.26 -10.96
CA GLY A 320 7.14 26.52 -9.78
C GLY A 320 8.59 26.14 -9.95
N GLY A 321 9.47 26.68 -9.12
CA GLY A 321 10.89 26.48 -9.29
C GLY A 321 11.32 25.05 -9.01
N LEU A 322 11.77 24.35 -10.04
CA LEU A 322 12.34 23.02 -9.87
C LEU A 322 13.74 23.14 -9.28
N PRO A 323 13.94 22.67 -8.04
CA PRO A 323 15.24 22.76 -7.36
C PRO A 323 16.39 22.25 -8.22
N GLU A 324 17.58 22.83 -8.04
CA GLU A 324 18.74 22.52 -8.87
C GLU A 324 19.23 21.07 -8.70
N ASP A 325 19.21 20.56 -7.48
CA ASP A 325 19.65 19.20 -7.23
C ASP A 325 18.78 18.19 -7.97
N LEU A 326 17.48 18.48 -8.06
CA LEU A 326 16.55 17.64 -8.81
C LEU A 326 16.73 17.75 -10.32
N ARG A 327 17.16 18.91 -10.78
CA ARG A 327 17.51 19.11 -12.18
C ARG A 327 18.68 18.22 -12.60
N ARG A 328 19.70 18.15 -11.74
CA ARG A 328 20.93 17.44 -12.04
C ARG A 328 20.72 15.92 -12.07
N SER A 329 19.62 15.47 -11.51
CA SER A 329 19.29 14.05 -11.51
C SER A 329 18.91 13.52 -12.89
N ILE A 330 18.59 14.44 -13.81
CA ILE A 330 18.41 14.09 -15.22
C ILE A 330 19.68 14.47 -16.00
N ALA A 331 20.49 13.46 -16.31
CA ALA A 331 21.77 13.65 -17.00
C ALA A 331 21.61 14.00 -18.48
N GLY A 332 20.49 13.62 -19.10
CA GLY A 332 20.27 13.92 -20.50
C GLY A 332 18.99 13.35 -21.08
N SER A 333 18.73 13.66 -22.35
CA SER A 333 17.53 13.17 -23.03
C SER A 333 17.71 13.09 -24.55
N ARG A 334 17.20 12.02 -25.15
CA ARG A 334 17.24 11.84 -26.60
C ARG A 334 15.91 11.39 -27.17
N LEU A 335 15.70 11.71 -28.44
CA LEU A 335 14.69 11.05 -29.25
C LEU A 335 15.38 9.96 -30.08
N VAL A 336 14.94 8.71 -29.93
CA VAL A 336 15.46 7.60 -30.73
C VAL A 336 14.36 6.85 -31.48
N TRP A 337 14.74 6.18 -32.56
CA TRP A 337 13.77 5.51 -33.41
C TRP A 337 13.98 3.99 -33.40
N VAL A 338 13.14 3.31 -32.66
CA VAL A 338 13.28 1.89 -32.39
C VAL A 338 12.66 1.06 -33.49
N GLU A 339 13.43 0.15 -34.07
CA GLU A 339 12.91 -0.77 -35.07
C GLU A 339 12.00 -1.83 -34.43
N SER A 340 10.74 -1.85 -34.86
CA SER A 340 9.76 -2.78 -34.33
C SER A 340 9.67 -4.08 -35.14
N PHE A 341 8.72 -4.94 -34.79
CA PHE A 341 8.60 -6.29 -35.35
C PHE A 341 8.30 -6.36 -36.85
N ASP A 342 7.80 -5.26 -37.43
CA ASP A 342 7.38 -5.24 -38.82
C ASP A 342 8.08 -4.17 -39.64
N GLY A 343 9.21 -3.68 -39.14
CA GLY A 343 9.98 -2.65 -39.82
C GLY A 343 9.59 -1.22 -39.49
N SER A 344 8.46 -1.04 -38.79
CA SER A 344 8.03 0.29 -38.34
C SER A 344 9.04 0.90 -37.36
N ARG A 345 9.12 2.23 -37.34
CA ARG A 345 10.04 2.93 -36.47
C ARG A 345 9.27 3.61 -35.35
N VAL A 346 9.54 3.20 -34.12
CA VAL A 346 8.82 3.69 -32.94
C VAL A 346 9.56 4.85 -32.28
N PRO A 347 9.07 6.07 -32.43
CA PRO A 347 9.75 7.22 -31.83
C PRO A 347 9.70 7.16 -30.30
N THR A 348 10.87 7.20 -29.68
CA THR A 348 11.00 6.84 -28.27
C THR A 348 11.84 7.86 -27.52
N TYR A 349 11.26 8.44 -26.48
CA TYR A 349 11.97 9.40 -25.65
C TYR A 349 12.77 8.71 -24.55
N VAL A 350 13.96 9.22 -24.28
CA VAL A 350 14.87 8.56 -23.36
C VAL A 350 15.51 9.53 -22.36
N LEU A 351 15.36 9.21 -21.09
CA LEU A 351 16.02 9.91 -20.00
C LEU A 351 17.14 9.06 -19.41
N GLU A 352 18.35 9.61 -19.36
CA GLU A 352 19.41 8.96 -18.60
C GLU A 352 19.43 9.55 -17.19
N SER A 353 19.58 8.69 -16.21
CA SER A 353 19.72 9.14 -14.83
C SER A 353 21.18 9.48 -14.53
N GLY A 354 21.38 10.60 -13.85
CA GLY A 354 22.71 10.97 -13.36
C GLY A 354 23.09 10.18 -12.13
N ARG A 355 22.09 9.53 -11.53
CA ARG A 355 22.28 8.72 -10.34
C ARG A 355 22.27 7.22 -10.65
N ALA A 356 22.42 6.88 -11.92
CA ALA A 356 22.59 5.49 -12.35
C ALA A 356 23.88 5.32 -13.13
N PRO A 357 24.37 4.08 -13.22
CA PRO A 357 25.44 3.77 -14.17
C PRO A 357 24.91 3.46 -15.57
N THR A 358 25.82 3.37 -16.53
CA THR A 358 25.49 2.96 -17.89
C THR A 358 26.43 1.83 -18.31
N PRO A 359 25.89 0.64 -18.53
CA PRO A 359 24.45 0.38 -18.46
C PRO A 359 23.91 0.39 -17.04
N GLY A 360 22.61 0.53 -16.90
CA GLY A 360 22.00 0.67 -15.60
C GLY A 360 20.54 0.25 -15.59
N PRO A 361 19.94 0.26 -14.41
CA PRO A 361 18.54 -0.12 -14.26
C PRO A 361 17.62 0.82 -15.04
N THR A 362 16.70 0.23 -15.78
CA THR A 362 15.93 0.95 -16.77
C THR A 362 14.46 0.55 -16.72
N VAL A 363 13.59 1.54 -16.77
CA VAL A 363 12.16 1.32 -16.73
C VAL A 363 11.56 1.80 -18.05
N VAL A 364 10.79 0.94 -18.70
CA VAL A 364 10.01 1.34 -19.85
C VAL A 364 8.71 1.90 -19.31
N LEU A 365 8.62 3.23 -19.26
CA LEU A 365 7.43 3.91 -18.77
C LEU A 365 6.43 4.14 -19.89
N VAL A 366 5.35 3.38 -19.86
CA VAL A 366 4.38 3.30 -20.94
C VAL A 366 3.21 4.25 -20.71
N HIS A 367 3.03 5.19 -21.63
CA HIS A 367 1.97 6.17 -21.51
C HIS A 367 0.58 5.57 -21.69
N GLY A 368 -0.41 6.25 -21.13
CA GLY A 368 -1.80 5.84 -21.22
C GLY A 368 -2.50 6.40 -22.43
N GLY A 369 -3.82 6.23 -22.46
CA GLY A 369 -4.67 6.80 -23.50
C GLY A 369 -5.65 5.81 -24.11
N PRO A 370 -5.23 5.14 -25.19
CA PRO A 370 -3.87 5.21 -25.71
C PRO A 370 -3.58 6.40 -26.62
N PHE A 371 -4.57 7.23 -26.93
CA PHE A 371 -4.34 8.39 -27.79
C PHE A 371 -3.67 9.50 -27.02
N ALA A 372 -2.39 9.29 -26.77
CA ALA A 372 -1.52 10.27 -26.11
C ALA A 372 -0.10 10.03 -26.60
N GLU A 373 0.86 10.81 -26.10
CA GLU A 373 2.24 10.65 -26.51
C GLU A 373 3.28 11.03 -25.45
N ASP A 374 4.44 10.39 -25.57
CA ASP A 374 5.62 10.79 -24.83
C ASP A 374 6.32 11.83 -25.68
N SER A 375 6.45 13.02 -25.12
CA SER A 375 6.99 14.16 -25.83
C SER A 375 8.01 14.87 -24.96
N ASP A 376 8.60 15.95 -25.49
CA ASP A 376 9.37 16.85 -24.67
C ASP A 376 8.42 17.63 -23.77
N SER A 377 8.00 16.99 -22.70
CA SER A 377 7.02 17.53 -21.76
C SER A 377 7.31 17.00 -20.36
N TRP A 378 6.98 17.78 -19.35
CA TRP A 378 7.18 17.35 -17.97
C TRP A 378 6.38 16.10 -17.62
N ASP A 379 7.07 15.14 -17.03
CA ASP A 379 6.47 13.91 -16.55
C ASP A 379 6.98 13.63 -15.15
N THR A 380 6.13 13.85 -14.16
CA THR A 380 6.49 13.65 -12.75
C THR A 380 6.98 12.22 -12.49
N PHE A 381 6.28 11.22 -13.03
CA PHE A 381 6.70 9.83 -12.89
C PHE A 381 8.12 9.62 -13.40
N ALA A 382 8.34 10.02 -14.65
CA ALA A 382 9.64 9.83 -15.27
C ALA A 382 10.73 10.52 -14.46
N ALA A 383 10.43 11.73 -13.99
CA ALA A 383 11.38 12.52 -13.20
C ALA A 383 11.77 11.83 -11.89
N SER A 384 10.78 11.33 -11.15
CA SER A 384 11.03 10.67 -9.89
C SER A 384 11.81 9.36 -10.08
N LEU A 385 11.58 8.69 -11.19
CA LEU A 385 12.35 7.48 -11.50
C LEU A 385 13.83 7.82 -11.69
N ALA A 386 14.11 8.89 -12.41
CA ALA A 386 15.49 9.33 -12.64
C ALA A 386 16.19 9.71 -11.33
N ALA A 387 15.45 10.36 -10.44
CA ALA A 387 15.94 10.72 -9.12
C ALA A 387 16.25 9.48 -8.30
N ALA A 388 15.47 8.43 -8.51
CA ALA A 388 15.66 7.18 -7.77
C ALA A 388 16.70 6.27 -8.43
N GLY A 389 17.31 6.72 -9.51
CA GLY A 389 18.44 6.03 -10.11
C GLY A 389 18.09 5.03 -11.21
N PHE A 390 17.00 5.31 -11.94
CA PHE A 390 16.63 4.53 -13.11
C PHE A 390 16.68 5.38 -14.37
N HIS A 391 17.21 4.81 -15.45
CA HIS A 391 16.99 5.36 -16.78
C HIS A 391 15.53 5.13 -17.19
N VAL A 392 14.97 6.06 -17.95
CA VAL A 392 13.57 5.97 -18.36
C VAL A 392 13.44 5.92 -19.88
N VAL A 393 12.65 4.96 -20.37
CA VAL A 393 12.43 4.77 -21.80
C VAL A 393 10.93 4.82 -22.09
N MET A 394 10.54 5.66 -23.03
CA MET A 394 9.13 6.02 -23.20
C MET A 394 8.72 5.94 -24.68
N PRO A 395 8.23 4.78 -25.08
CA PRO A 395 7.95 4.50 -26.49
C PRO A 395 6.55 4.94 -26.94
N ASN A 396 6.50 5.69 -28.04
CA ASN A 396 5.23 6.04 -28.66
C ASN A 396 4.73 4.90 -29.54
N TYR A 397 4.27 3.84 -28.88
CA TYR A 397 3.65 2.71 -29.55
C TYR A 397 2.55 3.14 -30.51
N ARG A 398 2.23 2.29 -31.46
CA ARG A 398 1.14 2.57 -32.40
C ARG A 398 -0.19 2.74 -31.66
N GLY A 399 -0.92 3.78 -32.04
CA GLY A 399 -2.04 4.29 -31.26
C GLY A 399 -1.70 5.63 -30.64
N SER A 400 -0.41 5.96 -30.62
CA SER A 400 0.06 7.24 -30.10
C SER A 400 -0.37 8.38 -30.99
N THR A 401 -0.60 9.53 -30.36
CA THR A 401 -0.74 10.80 -31.07
C THR A 401 0.63 11.37 -31.46
N GLY A 402 0.62 12.32 -32.39
CA GLY A 402 1.79 13.13 -32.70
C GLY A 402 2.68 12.68 -33.85
N TYR A 403 2.33 11.57 -34.49
CA TYR A 403 3.13 11.07 -35.60
C TYR A 403 2.28 10.66 -36.81
N GLY A 404 1.04 11.16 -36.85
CA GLY A 404 0.19 10.99 -38.00
C GLY A 404 -0.98 10.05 -37.76
N GLU A 405 -2.01 10.22 -38.58
CA GLU A 405 -3.24 9.46 -38.48
C GLU A 405 -3.03 7.96 -38.67
N GLU A 406 -2.08 7.59 -39.53
CA GLU A 406 -1.88 6.20 -39.88
C GLU A 406 -1.36 5.41 -38.68
N TRP A 407 -0.31 5.93 -38.07
CA TRP A 407 0.28 5.37 -36.85
C TRP A 407 -0.73 5.29 -35.70
N ARG A 408 -1.54 6.33 -35.55
CA ARG A 408 -2.53 6.39 -34.47
C ARG A 408 -3.66 5.37 -34.61
N LEU A 409 -4.13 5.14 -35.84
CA LEU A 409 -5.29 4.30 -36.07
C LEU A 409 -4.93 2.81 -36.19
N LYS A 410 -3.64 2.51 -36.21
CA LYS A 410 -3.15 1.12 -36.32
C LYS A 410 -3.58 0.27 -35.11
N ILE A 411 -3.83 0.92 -33.97
CA ILE A 411 -4.22 0.21 -32.76
C ILE A 411 -5.67 -0.31 -32.78
N ILE A 412 -6.52 0.35 -33.58
CA ILE A 412 -7.95 0.03 -33.63
C ILE A 412 -8.23 -1.42 -34.03
N GLY A 413 -9.01 -2.11 -33.19
CA GLY A 413 -9.31 -3.52 -33.37
C GLY A 413 -8.16 -4.46 -33.00
N ASP A 414 -7.11 -3.92 -32.40
CA ASP A 414 -5.91 -4.71 -32.12
C ASP A 414 -5.19 -4.29 -30.84
N PRO A 415 -5.92 -4.24 -29.73
CA PRO A 415 -5.32 -4.04 -28.41
C PRO A 415 -4.61 -5.31 -27.95
N CYS A 416 -3.50 -5.15 -27.25
CA CYS A 416 -2.61 -6.27 -26.95
C CYS A 416 -2.26 -7.01 -28.26
N GLY A 417 -1.60 -6.29 -29.15
CA GLY A 417 -1.17 -6.81 -30.43
C GLY A 417 0.04 -6.04 -30.92
N GLY A 418 -0.14 -5.28 -31.99
CA GLY A 418 0.91 -4.44 -32.54
C GLY A 418 1.57 -3.49 -31.54
N GLU A 419 0.77 -2.83 -30.71
CA GLU A 419 1.30 -1.82 -29.78
C GLU A 419 2.22 -2.45 -28.74
N LEU A 420 1.86 -3.65 -28.31
CA LEU A 420 2.66 -4.38 -27.34
C LEU A 420 4.02 -4.76 -27.94
N GLU A 421 4.03 -5.07 -29.23
CA GLU A 421 5.26 -5.41 -29.94
C GLU A 421 6.19 -4.21 -30.01
N ASP A 422 5.62 -3.02 -30.07
CA ASP A 422 6.41 -1.79 -30.05
C ASP A 422 7.08 -1.58 -28.70
N VAL A 423 6.30 -1.78 -27.62
CA VAL A 423 6.82 -1.64 -26.25
C VAL A 423 7.91 -2.68 -25.98
N SER A 424 7.72 -3.88 -26.52
CA SER A 424 8.70 -4.95 -26.38
C SER A 424 9.98 -4.65 -27.18
N ALA A 425 9.82 -4.00 -28.33
CA ALA A 425 10.95 -3.63 -29.17
C ALA A 425 11.78 -2.53 -28.50
N ALA A 426 11.10 -1.60 -27.83
CA ALA A 426 11.76 -0.54 -27.07
C ALA A 426 12.59 -1.11 -25.92
N ALA A 427 12.10 -2.20 -25.34
CA ALA A 427 12.82 -2.89 -24.26
C ALA A 427 14.05 -3.59 -24.82
N ARG A 428 13.90 -4.17 -26.01
CA ARG A 428 15.01 -4.85 -26.66
C ARG A 428 16.07 -3.84 -27.07
N TRP A 429 15.65 -2.66 -27.51
CA TRP A 429 16.58 -1.62 -27.92
C TRP A 429 17.39 -1.06 -26.75
N ALA A 430 16.76 -0.95 -25.58
CA ALA A 430 17.44 -0.41 -24.40
C ALA A 430 18.58 -1.34 -23.97
N ARG A 431 18.36 -2.64 -24.13
CA ARG A 431 19.38 -3.64 -23.89
C ARG A 431 20.50 -3.60 -24.93
N GLU A 432 20.13 -3.69 -26.19
CA GLU A 432 21.11 -3.84 -27.28
C GLU A 432 21.93 -2.58 -27.52
N SER A 433 21.33 -1.43 -27.24
CA SER A 433 21.98 -0.14 -27.40
C SER A 433 23.06 0.11 -26.35
N GLY A 434 22.91 -0.55 -25.20
CA GLY A 434 23.88 -0.46 -24.13
C GLY A 434 23.44 0.34 -22.92
N LEU A 435 22.19 0.82 -22.94
CA LEU A 435 21.64 1.62 -21.85
C LEU A 435 21.22 0.80 -20.63
N ALA A 436 20.79 -0.44 -20.84
CA ALA A 436 20.04 -1.18 -19.83
C ALA A 436 20.73 -2.45 -19.32
N SER A 437 21.00 -2.49 -18.02
CA SER A 437 21.51 -3.70 -17.37
C SER A 437 20.38 -4.61 -16.90
N GLU A 438 19.26 -4.01 -16.52
CA GLU A 438 18.04 -4.75 -16.22
C GLU A 438 16.82 -3.95 -16.69
N LEU A 439 15.70 -4.63 -16.89
CA LEU A 439 14.53 -3.99 -17.47
C LEU A 439 13.26 -4.19 -16.65
N TYR A 440 12.53 -3.10 -16.44
CA TYR A 440 11.23 -3.14 -15.80
C TYR A 440 10.19 -2.47 -16.70
N ILE A 441 8.91 -2.78 -16.46
CA ILE A 441 7.80 -2.09 -17.08
C ILE A 441 6.88 -1.42 -16.04
N MET A 442 6.46 -0.20 -16.35
CA MET A 442 5.63 0.61 -15.47
C MET A 442 4.67 1.44 -16.31
N GLY A 443 3.43 1.59 -15.84
CA GLY A 443 2.42 2.29 -16.59
C GLY A 443 1.13 2.54 -15.82
N TYR A 444 0.45 3.61 -16.19
CA TYR A 444 -0.80 4.02 -15.56
C TYR A 444 -1.94 4.01 -16.60
N ALA A 445 -3.10 3.49 -16.20
CA ALA A 445 -4.25 3.28 -17.08
C ALA A 445 -3.98 2.34 -18.26
N TYR A 446 -3.94 2.83 -19.50
CA TYR A 446 -3.62 1.96 -20.63
C TYR A 446 -2.16 1.51 -20.53
N GLY A 447 -1.35 2.32 -19.85
CA GLY A 447 0.01 1.93 -19.51
C GLY A 447 0.04 0.75 -18.58
N GLY A 448 -0.84 0.75 -17.58
CA GLY A 448 -1.00 -0.37 -16.67
C GLY A 448 -1.56 -1.60 -17.36
N TYR A 449 -2.41 -1.38 -18.35
CA TYR A 449 -2.91 -2.45 -19.21
C TYR A 449 -1.74 -3.13 -19.91
N MET A 450 -0.78 -2.32 -20.36
CA MET A 450 0.38 -2.82 -21.10
C MET A 450 1.36 -3.54 -20.19
N THR A 451 1.42 -3.16 -18.92
CA THR A 451 2.23 -3.88 -17.96
C THR A 451 1.69 -5.30 -17.83
N LEU A 452 0.37 -5.41 -17.63
CA LEU A 452 -0.27 -6.71 -17.46
C LEU A 452 -0.18 -7.57 -18.71
N CYS A 453 -0.25 -6.93 -19.87
CA CYS A 453 -0.17 -7.63 -21.16
C CYS A 453 1.26 -8.10 -21.43
N ALA A 454 2.25 -7.33 -21.01
CA ALA A 454 3.64 -7.72 -21.17
C ALA A 454 3.99 -8.92 -20.28
N LEU A 455 3.44 -8.95 -19.06
CA LEU A 455 3.79 -10.00 -18.12
C LEU A 455 3.05 -11.32 -18.39
N THR A 456 1.93 -11.24 -19.11
CA THR A 456 1.14 -12.43 -19.46
C THR A 456 1.57 -12.99 -20.81
N MET A 457 1.72 -12.11 -21.80
CA MET A 457 1.99 -12.51 -23.18
C MET A 457 3.49 -12.58 -23.49
N LYS A 458 4.29 -11.84 -22.73
CA LYS A 458 5.74 -11.79 -22.93
C LYS A 458 6.48 -12.09 -21.64
N PRO A 459 6.24 -13.23 -21.01
CA PRO A 459 6.95 -13.59 -19.78
C PRO A 459 8.46 -13.73 -20.02
N GLY A 460 9.25 -13.14 -19.14
CA GLY A 460 10.71 -13.19 -19.27
C GLY A 460 11.34 -11.95 -19.89
N LEU A 461 10.54 -11.12 -20.54
CA LEU A 461 11.04 -9.88 -21.15
C LEU A 461 11.52 -8.89 -20.09
N PHE A 462 10.64 -8.59 -19.14
CA PHE A 462 10.96 -7.69 -18.03
C PHE A 462 11.22 -8.46 -16.74
N LYS A 463 11.92 -7.81 -15.81
CA LYS A 463 12.22 -8.37 -14.50
C LYS A 463 11.01 -8.25 -13.56
N ALA A 464 10.33 -7.11 -13.65
CA ALA A 464 9.10 -6.89 -12.87
C ALA A 464 8.24 -5.80 -13.49
N GLY A 465 7.02 -5.68 -13.01
CA GLY A 465 6.05 -4.78 -13.59
C GLY A 465 5.23 -4.01 -12.56
N VAL A 466 4.98 -2.74 -12.87
CA VAL A 466 4.09 -1.90 -12.07
C VAL A 466 2.90 -1.48 -12.92
N ALA A 467 1.71 -1.70 -12.37
CA ALA A 467 0.45 -1.49 -13.08
C ALA A 467 -0.51 -0.65 -12.24
N GLY A 468 -0.73 0.59 -12.67
CA GLY A 468 -1.58 1.53 -11.96
C GLY A 468 -2.88 1.75 -12.70
N ALA A 469 -3.97 1.97 -11.96
CA ALA A 469 -5.29 2.24 -12.54
C ALA A 469 -5.51 1.50 -13.86
N SER A 470 -5.30 0.20 -13.84
CA SER A 470 -5.13 -0.58 -15.06
C SER A 470 -6.40 -1.21 -15.62
N VAL A 471 -6.40 -1.43 -16.93
CA VAL A 471 -7.43 -2.22 -17.59
C VAL A 471 -7.10 -3.70 -17.38
N VAL A 472 -8.11 -4.44 -16.94
CA VAL A 472 -7.96 -5.84 -16.56
C VAL A 472 -8.78 -6.75 -17.47
N ASP A 473 -10.03 -6.35 -17.69
CA ASP A 473 -11.01 -7.18 -18.39
C ASP A 473 -11.95 -6.28 -19.17
N TRP A 474 -11.78 -6.26 -20.48
CA TRP A 474 -12.63 -5.44 -21.35
C TRP A 474 -14.10 -5.74 -21.10
N GLU A 475 -14.43 -7.01 -20.92
CA GLU A 475 -15.83 -7.45 -20.77
C GLU A 475 -16.51 -6.85 -19.53
N GLU A 476 -15.94 -7.06 -18.35
CA GLU A 476 -16.56 -6.57 -17.11
C GLU A 476 -16.52 -5.05 -17.05
N MET A 477 -15.44 -4.45 -17.53
CA MET A 477 -15.32 -2.99 -17.54
C MET A 477 -16.46 -2.33 -18.32
N TYR A 478 -16.83 -2.95 -19.43
CA TYR A 478 -17.91 -2.47 -20.29
C TYR A 478 -19.24 -2.45 -19.55
N GLU A 479 -19.47 -3.46 -18.72
CA GLU A 479 -20.69 -3.56 -17.94
C GLU A 479 -20.80 -2.46 -16.89
N LEU A 480 -19.66 -2.01 -16.36
CA LEU A 480 -19.64 -1.00 -15.31
C LEU A 480 -19.50 0.42 -15.86
N SER A 481 -19.36 0.52 -17.18
CA SER A 481 -19.02 1.77 -17.84
C SER A 481 -20.26 2.59 -18.19
N ASP A 482 -20.11 3.91 -18.11
CA ASP A 482 -21.17 4.82 -18.55
C ASP A 482 -21.18 4.89 -20.08
N ALA A 483 -22.10 5.67 -20.63
CA ALA A 483 -22.31 5.73 -22.08
C ALA A 483 -21.06 6.12 -22.87
N ALA A 484 -20.26 7.01 -22.31
CA ALA A 484 -19.06 7.48 -22.99
C ALA A 484 -18.02 6.36 -23.11
N PHE A 485 -17.85 5.59 -22.04
CA PHE A 485 -16.78 4.59 -22.00
C PHE A 485 -17.18 3.28 -22.68
N ARG A 486 -18.46 2.95 -22.65
CA ARG A 486 -18.95 1.83 -23.45
C ARG A 486 -18.62 2.05 -24.92
N ASN A 487 -18.88 3.26 -25.42
CA ASN A 487 -18.62 3.55 -26.83
C ASN A 487 -17.14 3.51 -27.15
N PHE A 488 -16.32 4.06 -26.25
CA PHE A 488 -14.87 4.11 -26.48
C PHE A 488 -14.26 2.72 -26.50
N ILE A 489 -14.82 1.82 -25.69
CA ILE A 489 -14.39 0.43 -25.67
C ILE A 489 -14.76 -0.28 -26.98
N GLU A 490 -15.95 0.01 -27.52
CA GLU A 490 -16.37 -0.56 -28.80
C GLU A 490 -15.43 -0.18 -29.94
N GLN A 491 -14.95 1.06 -29.91
CA GLN A 491 -14.08 1.57 -30.98
C GLN A 491 -12.71 0.90 -30.95
N LEU A 492 -12.14 0.80 -29.77
CA LEU A 492 -10.78 0.27 -29.62
C LEU A 492 -10.70 -1.22 -29.91
N THR A 493 -11.75 -1.95 -29.54
CA THR A 493 -11.76 -3.41 -29.69
C THR A 493 -12.46 -3.87 -30.97
N GLY A 494 -12.96 -2.93 -31.76
CA GLY A 494 -13.72 -3.27 -32.94
C GLY A 494 -15.10 -3.88 -32.67
N GLY A 495 -15.50 -3.92 -31.41
CA GLY A 495 -16.83 -4.31 -31.05
C GLY A 495 -17.06 -5.81 -30.89
N SER A 496 -16.04 -6.61 -31.21
CA SER A 496 -16.16 -8.07 -31.16
C SER A 496 -15.85 -8.62 -29.78
N ARG A 497 -16.63 -9.61 -29.38
CA ARG A 497 -16.53 -10.20 -28.05
C ARG A 497 -15.31 -11.11 -27.96
N GLU A 498 -14.89 -11.64 -29.10
CA GLU A 498 -13.68 -12.44 -29.17
C GLU A 498 -12.45 -11.62 -28.82
N ILE A 499 -12.39 -10.39 -29.30
CA ILE A 499 -11.28 -9.49 -29.01
C ILE A 499 -11.32 -9.03 -27.56
N MET A 500 -12.51 -8.76 -27.03
CA MET A 500 -12.66 -8.30 -25.66
C MET A 500 -12.22 -9.38 -24.66
N ARG A 501 -12.40 -10.63 -25.03
CA ARG A 501 -12.03 -11.73 -24.16
C ARG A 501 -10.57 -12.14 -24.35
N SER A 502 -10.14 -12.32 -25.60
CA SER A 502 -8.79 -12.80 -25.89
C SER A 502 -7.69 -11.79 -25.53
N ARG A 503 -8.02 -10.51 -25.56
CA ARG A 503 -7.04 -9.46 -25.32
C ARG A 503 -7.10 -8.91 -23.89
N SER A 504 -7.78 -9.63 -23.00
CA SER A 504 -7.85 -9.29 -21.58
C SER A 504 -6.85 -10.12 -20.80
N PRO A 505 -5.92 -9.46 -20.09
CA PRO A 505 -4.94 -10.17 -19.26
C PRO A 505 -5.50 -11.04 -18.14
N ILE A 506 -6.75 -10.84 -17.70
CA ILE A 506 -7.31 -11.66 -16.64
C ILE A 506 -7.52 -13.10 -17.10
N ASN A 507 -7.65 -13.30 -18.41
CA ASN A 507 -7.81 -14.63 -18.99
C ASN A 507 -6.50 -15.38 -19.24
N HIS A 508 -5.38 -14.75 -18.92
CA HIS A 508 -4.06 -15.33 -19.20
C HIS A 508 -3.13 -15.26 -17.98
N VAL A 509 -3.72 -15.31 -16.79
CA VAL A 509 -2.98 -15.12 -15.54
C VAL A 509 -2.02 -16.28 -15.24
N ASP A 510 -2.36 -17.46 -15.74
CA ASP A 510 -1.51 -18.64 -15.54
CA ASP A 510 -1.51 -18.63 -15.54
C ASP A 510 -0.13 -18.50 -16.21
N ARG A 511 0.00 -17.56 -17.15
CA ARG A 511 1.25 -17.38 -17.87
C ARG A 511 2.24 -16.43 -17.20
N ILE A 512 1.83 -15.77 -16.12
CA ILE A 512 2.67 -14.78 -15.42
C ILE A 512 3.77 -15.43 -14.58
N LYS A 513 4.97 -14.90 -14.68
CA LYS A 513 6.11 -15.41 -13.91
C LYS A 513 6.90 -14.36 -13.13
N GLU A 514 6.71 -13.08 -13.42
CA GLU A 514 7.46 -12.02 -12.75
C GLU A 514 6.64 -11.29 -11.68
N PRO A 515 7.32 -10.75 -10.68
CA PRO A 515 6.66 -9.94 -9.65
C PRO A 515 5.83 -8.81 -10.25
N LEU A 516 4.65 -8.58 -9.67
CA LEU A 516 3.72 -7.56 -10.14
C LEU A 516 3.29 -6.69 -8.97
N ALA A 517 3.29 -5.37 -9.17
CA ALA A 517 2.74 -4.45 -8.18
C ALA A 517 1.52 -3.75 -8.77
N LEU A 518 0.39 -3.87 -8.07
CA LEU A 518 -0.86 -3.26 -8.50
C LEU A 518 -1.17 -2.04 -7.64
N ILE A 519 -1.52 -0.93 -8.29
CA ILE A 519 -1.88 0.31 -7.59
C ILE A 519 -3.18 0.81 -8.21
N HIS A 520 -4.16 1.16 -7.37
CA HIS A 520 -5.50 1.46 -7.85
C HIS A 520 -6.30 2.35 -6.91
N PRO A 521 -6.79 3.47 -7.41
CA PRO A 521 -7.74 4.30 -6.67
C PRO A 521 -9.09 3.58 -6.57
N GLN A 522 -9.67 3.54 -5.38
CA GLN A 522 -10.83 2.69 -5.10
C GLN A 522 -12.10 3.09 -5.88
N ASN A 523 -12.30 4.38 -6.08
CA ASN A 523 -13.49 4.85 -6.77
C ASN A 523 -13.25 5.26 -8.22
N ASP A 524 -12.26 4.64 -8.86
CA ASP A 524 -12.01 4.86 -10.28
C ASP A 524 -13.23 4.45 -11.11
N SER A 525 -13.74 5.37 -11.93
CA SER A 525 -14.91 5.08 -12.76
C SER A 525 -14.54 4.84 -14.22
N ARG A 526 -13.27 5.01 -14.55
CA ARG A 526 -12.79 4.72 -15.91
C ARG A 526 -12.31 3.28 -16.00
N THR A 527 -11.35 2.96 -15.14
CA THR A 527 -10.86 1.60 -14.96
C THR A 527 -11.21 1.14 -13.56
N PRO A 528 -12.34 0.48 -13.39
CA PRO A 528 -12.91 0.26 -12.05
C PRO A 528 -12.14 -0.77 -11.23
N LEU A 529 -12.30 -0.68 -9.91
CA LEU A 529 -11.58 -1.51 -8.97
C LEU A 529 -12.06 -2.97 -9.01
N LYS A 530 -13.33 -3.16 -9.39
CA LYS A 530 -13.96 -4.46 -9.23
C LYS A 530 -13.23 -5.62 -9.93
N PRO A 531 -12.96 -5.50 -11.22
CA PRO A 531 -12.25 -6.59 -11.91
C PRO A 531 -10.82 -6.77 -11.41
N LEU A 532 -10.23 -5.71 -10.85
CA LEU A 532 -8.91 -5.80 -10.24
C LEU A 532 -8.93 -6.68 -8.98
N LEU A 533 -10.01 -6.60 -8.21
CA LEU A 533 -10.21 -7.51 -7.09
C LEU A 533 -10.28 -8.95 -7.59
N ARG A 534 -10.91 -9.16 -8.74
CA ARG A 534 -10.95 -10.49 -9.31
C ARG A 534 -9.57 -10.92 -9.80
N LEU A 535 -8.80 -9.98 -10.33
CA LEU A 535 -7.43 -10.28 -10.75
C LEU A 535 -6.60 -10.76 -9.57
N MET A 536 -6.74 -10.08 -8.45
CA MET A 536 -6.07 -10.47 -7.22
C MET A 536 -6.48 -11.87 -6.77
N GLY A 537 -7.77 -12.18 -6.92
CA GLY A 537 -8.28 -13.51 -6.63
C GLY A 537 -7.64 -14.58 -7.49
N GLU A 538 -7.35 -14.26 -8.74
CA GLU A 538 -6.70 -15.20 -9.66
C GLU A 538 -5.22 -15.36 -9.35
N LEU A 539 -4.53 -14.26 -9.10
CA LEU A 539 -3.12 -14.28 -8.73
C LEU A 539 -2.89 -15.11 -7.48
N LEU A 540 -3.72 -14.87 -6.47
CA LEU A 540 -3.67 -15.62 -5.23
C LEU A 540 -3.87 -17.12 -5.46
N ALA A 541 -4.94 -17.47 -6.17
CA ALA A 541 -5.30 -18.87 -6.38
C ALA A 541 -4.30 -19.64 -7.24
N ARG A 542 -3.48 -18.92 -8.01
CA ARG A 542 -2.53 -19.55 -8.92
C ARG A 542 -1.09 -19.44 -8.41
N GLY A 543 -0.95 -19.05 -7.14
CA GLY A 543 0.35 -18.97 -6.50
C GLY A 543 1.30 -17.90 -7.02
N LYS A 544 0.77 -16.87 -7.67
CA LYS A 544 1.62 -15.83 -8.23
C LYS A 544 2.03 -14.80 -7.18
N THR A 545 3.25 -14.28 -7.34
CA THR A 545 3.76 -13.22 -6.49
C THR A 545 3.15 -11.89 -6.91
N PHE A 546 2.49 -11.21 -5.98
CA PHE A 546 1.99 -9.87 -6.26
C PHE A 546 1.92 -8.96 -5.04
N GLU A 547 1.81 -7.67 -5.33
CA GLU A 547 1.70 -6.61 -4.35
C GLU A 547 0.51 -5.74 -4.75
N ALA A 548 -0.18 -5.16 -3.78
CA ALA A 548 -1.31 -4.30 -4.09
C ALA A 548 -1.46 -3.11 -3.16
N HIS A 549 -1.93 -2.00 -3.72
CA HIS A 549 -2.14 -0.77 -2.98
C HIS A 549 -3.40 -0.09 -3.47
N ILE A 550 -4.42 -0.07 -2.63
CA ILE A 550 -5.67 0.58 -2.95
C ILE A 550 -5.76 1.89 -2.18
N ILE A 551 -6.08 2.97 -2.89
CA ILE A 551 -6.08 4.32 -2.35
C ILE A 551 -7.51 4.76 -2.02
N PRO A 552 -7.71 5.34 -0.85
CA PRO A 552 -9.05 5.67 -0.37
C PRO A 552 -9.56 7.01 -0.91
N ASP A 553 -10.88 7.12 -1.07
CA ASP A 553 -11.54 8.37 -1.46
C ASP A 553 -10.78 9.03 -2.61
N ALA A 554 -10.48 8.25 -3.63
CA ALA A 554 -9.76 8.75 -4.78
C ALA A 554 -10.16 8.01 -6.05
N GLY A 555 -9.99 8.69 -7.20
CA GLY A 555 -10.30 8.11 -8.49
C GLY A 555 -9.17 8.26 -9.50
N HIS A 556 -9.53 8.16 -10.78
CA HIS A 556 -8.56 8.17 -11.87
C HIS A 556 -7.73 9.44 -11.95
N ALA A 557 -8.36 10.55 -11.59
CA ALA A 557 -7.75 11.87 -11.72
C ALA A 557 -7.35 12.40 -10.35
N ILE A 558 -6.04 12.46 -10.11
CA ILE A 558 -5.53 12.91 -8.82
C ILE A 558 -5.63 14.43 -8.73
N ASN A 559 -6.10 14.94 -7.60
CA ASN A 559 -6.20 16.38 -7.39
C ASN A 559 -5.72 16.86 -6.00
N THR A 560 -5.07 15.98 -5.24
CA THR A 560 -4.31 16.40 -4.06
C THR A 560 -2.88 15.87 -4.18
N MET A 561 -1.97 16.47 -3.42
CA MET A 561 -0.57 16.04 -3.43
C MET A 561 -0.41 14.81 -2.53
N GLU A 562 -1.30 14.65 -1.56
CA GLU A 562 -1.33 13.46 -0.73
C GLU A 562 -1.68 12.24 -1.56
N ASP A 563 -2.63 12.40 -2.47
CA ASP A 563 -3.09 11.30 -3.29
C ASP A 563 -2.04 10.93 -4.35
N ALA A 564 -1.33 11.93 -4.84
CA ALA A 564 -0.27 11.71 -5.83
C ALA A 564 0.88 10.92 -5.22
N VAL A 565 1.19 11.24 -3.96
CA VAL A 565 2.23 10.52 -3.22
C VAL A 565 1.86 9.05 -2.99
N LYS A 566 0.59 8.79 -2.68
CA LYS A 566 0.15 7.43 -2.42
C LYS A 566 0.14 6.57 -3.70
N ILE A 567 -0.01 7.21 -4.86
CA ILE A 567 -0.04 6.51 -6.14
C ILE A 567 1.34 6.32 -6.76
N LEU A 568 2.31 7.13 -6.34
CA LEU A 568 3.65 7.09 -6.94
C LEU A 568 4.68 6.48 -6.01
N LEU A 569 4.53 6.73 -4.72
CA LEU A 569 5.51 6.29 -3.73
C LEU A 569 5.68 4.78 -3.65
N PRO A 570 4.58 4.03 -3.64
CA PRO A 570 4.67 2.56 -3.59
C PRO A 570 5.30 1.97 -4.85
N ALA A 571 5.13 2.63 -6.00
CA ALA A 571 5.73 2.18 -7.25
C ALA A 571 7.25 2.30 -7.21
N VAL A 572 7.73 3.46 -6.78
CA VAL A 572 9.17 3.70 -6.74
C VAL A 572 9.83 2.81 -5.69
N PHE A 573 9.18 2.65 -4.54
CA PHE A 573 9.66 1.75 -3.50
C PHE A 573 9.81 0.33 -4.04
N PHE A 574 8.83 -0.09 -4.84
CA PHE A 574 8.77 -1.44 -5.35
C PHE A 574 9.90 -1.73 -6.33
N LEU A 575 10.19 -0.76 -7.20
CA LEU A 575 11.23 -0.92 -8.21
C LEU A 575 12.62 -0.81 -7.61
N ALA A 576 12.74 -0.03 -6.54
CA ALA A 576 14.00 0.08 -5.80
C ALA A 576 14.28 -1.20 -5.02
N THR A 577 13.20 -1.84 -4.59
CA THR A 577 13.30 -3.11 -3.88
C THR A 577 13.79 -4.22 -4.82
N GLN A 578 13.25 -4.23 -6.04
CA GLN A 578 13.62 -5.23 -7.04
C GLN A 578 15.05 -5.03 -7.55
N ARG A 579 15.52 -3.79 -7.51
CA ARG A 579 16.87 -3.45 -7.94
C ARG A 579 17.90 -3.91 -6.91
N GLU A 580 17.52 -3.83 -5.64
CA GLU A 580 18.34 -4.33 -4.56
C GLU A 580 18.49 -5.86 -4.65
N ARG A 581 17.77 -6.46 -5.58
CA ARG A 581 17.65 -7.93 -5.66
C ARG A 581 18.61 -8.61 -6.57
N ARG A 582 19.10 -7.93 -7.61
CA ARG A 582 20.25 -8.41 -8.38
C ARG A 582 20.19 -9.91 -8.73
N PHE B 9 6.85 13.19 6.93
CA PHE B 9 6.69 11.96 6.11
C PHE B 9 8.04 11.29 5.86
N SER B 10 9.05 12.07 5.47
CA SER B 10 10.40 11.54 5.30
C SER B 10 11.06 11.26 6.65
N ARG B 11 10.79 12.11 7.64
CA ARG B 11 11.26 11.90 9.00
C ARG B 11 10.59 10.68 9.64
N ILE B 12 9.31 10.50 9.35
CA ILE B 12 8.58 9.30 9.78
C ILE B 12 9.31 8.03 9.35
N VAL B 13 9.72 8.01 8.08
CA VAL B 13 10.32 6.82 7.48
C VAL B 13 11.64 6.46 8.16
N ARG B 14 12.44 7.47 8.47
CA ARG B 14 13.77 7.25 9.07
C ARG B 14 13.64 6.81 10.52
N ASP B 15 12.62 7.30 11.20
CA ASP B 15 12.32 6.87 12.57
C ASP B 15 11.86 5.42 12.60
N VAL B 16 10.95 5.08 11.70
CA VAL B 16 10.50 3.69 11.55
C VAL B 16 11.65 2.77 11.15
N GLU B 17 12.46 3.22 10.21
CA GLU B 17 13.57 2.41 9.70
C GLU B 17 14.61 2.17 10.79
N ARG B 18 14.87 3.19 11.59
CA ARG B 18 15.88 3.10 12.65
C ARG B 18 15.37 2.30 13.85
N LEU B 19 14.07 2.37 14.12
CA LEU B 19 13.49 1.63 15.23
C LEU B 19 13.43 0.14 14.91
N ILE B 20 13.12 -0.18 13.66
CA ILE B 20 13.08 -1.56 13.20
C ILE B 20 14.51 -2.10 13.10
N ALA B 21 15.44 -1.23 12.75
CA ALA B 21 16.83 -1.64 12.52
C ALA B 21 17.59 -1.95 13.81
N VAL B 22 17.18 -1.34 14.91
CA VAL B 22 17.87 -1.57 16.18
C VAL B 22 17.89 -3.05 16.54
N GLU B 23 19.00 -3.46 17.16
CA GLU B 23 19.28 -4.87 17.40
C GLU B 23 18.53 -5.45 18.61
N LYS B 24 17.93 -6.61 18.42
CA LYS B 24 17.10 -7.25 19.44
C LYS B 24 17.46 -8.73 19.59
N TYR B 25 17.49 -9.21 20.84
CA TYR B 25 18.00 -10.54 21.12
C TYR B 25 17.13 -11.34 22.09
N SER B 26 16.83 -12.57 21.72
CA SER B 26 16.22 -13.54 22.57
C SER B 26 17.29 -14.57 22.96
N LEU B 27 17.25 -15.03 24.21
CA LEU B 27 18.17 -16.05 24.68
C LEU B 27 17.54 -17.43 24.49
N GLN B 28 18.29 -18.36 23.92
CA GLN B 28 17.76 -19.68 23.56
C GLN B 28 18.37 -20.84 24.35
N GLY B 29 19.65 -20.74 24.70
CA GLY B 29 20.28 -21.78 25.48
C GLY B 29 21.79 -21.80 25.43
N VAL B 30 22.36 -22.98 25.68
CA VAL B 30 23.81 -23.13 25.77
C VAL B 30 24.31 -24.29 24.93
N VAL B 31 25.38 -24.04 24.17
CA VAL B 31 25.84 -24.99 23.17
C VAL B 31 27.37 -24.98 23.06
N ASP B 32 27.93 -25.96 22.35
CA ASP B 32 29.37 -26.00 22.05
C ASP B 32 30.21 -25.81 23.31
N GLY B 33 29.88 -26.58 24.34
CA GLY B 33 30.54 -26.46 25.63
C GLY B 33 29.94 -25.35 26.48
N ASP B 34 30.38 -24.12 26.23
CA ASP B 34 29.95 -22.98 27.03
C ASP B 34 29.90 -21.69 26.20
N LYS B 35 29.08 -21.73 25.14
CA LYS B 35 28.76 -20.54 24.36
C LYS B 35 27.25 -20.36 24.28
N LEU B 36 26.78 -19.14 24.52
CA LEU B 36 25.36 -18.83 24.41
C LEU B 36 24.87 -18.89 22.97
N LEU B 37 23.68 -19.45 22.80
CA LEU B 37 22.99 -19.46 21.52
C LEU B 37 21.89 -18.41 21.55
N VAL B 38 21.97 -17.46 20.64
CA VAL B 38 21.04 -16.34 20.62
C VAL B 38 20.36 -16.24 19.25
N VAL B 39 19.06 -15.97 19.24
CA VAL B 39 18.41 -15.50 18.04
C VAL B 39 18.44 -13.99 18.02
N GLY B 40 18.87 -13.44 16.89
CA GLY B 40 19.14 -12.02 16.75
C GLY B 40 18.47 -11.39 15.56
N PHE B 41 17.76 -10.29 15.82
CA PHE B 41 17.21 -9.44 14.79
C PHE B 41 18.28 -8.40 14.48
N SER B 42 19.22 -8.79 13.63
CA SER B 42 20.38 -7.94 13.35
C SER B 42 20.79 -8.03 11.89
N GLU B 43 21.22 -6.90 11.33
CA GLU B 43 21.83 -6.87 10.00
C GLU B 43 20.88 -7.41 8.95
N GLY B 44 19.63 -6.96 9.01
CA GLY B 44 18.65 -7.23 7.97
C GLY B 44 17.60 -8.28 8.29
N SER B 45 17.87 -9.18 9.21
CA SER B 45 16.97 -10.33 9.43
C SER B 45 17.22 -11.08 10.74
N VAL B 46 16.27 -11.95 11.08
CA VAL B 46 16.44 -12.88 12.20
C VAL B 46 17.50 -13.91 11.82
N ASN B 47 18.55 -13.99 12.62
CA ASN B 47 19.67 -14.91 12.42
C ASN B 47 20.02 -15.59 13.74
N ALA B 48 20.72 -16.71 13.66
CA ALA B 48 21.19 -17.41 14.86
C ALA B 48 22.65 -17.11 15.07
N TYR B 49 23.03 -16.86 16.31
CA TYR B 49 24.38 -16.44 16.64
C TYR B 49 25.00 -17.24 17.76
N LEU B 50 26.33 -17.16 17.86
CA LEU B 50 27.06 -17.65 19.02
C LEU B 50 27.69 -16.48 19.76
N TYR B 51 27.76 -16.60 21.08
CA TYR B 51 28.42 -15.61 21.91
C TYR B 51 29.26 -16.29 22.98
N ASP B 52 30.56 -15.96 23.03
CA ASP B 52 31.46 -16.55 24.01
C ASP B 52 32.41 -15.55 24.65
N GLY B 53 32.25 -14.27 24.30
CA GLY B 53 33.22 -13.26 24.65
C GLY B 53 32.63 -11.87 24.77
N GLY B 54 32.70 -11.10 23.70
CA GLY B 54 33.28 -11.54 22.44
C GLY B 54 32.40 -11.17 21.26
N GLU B 55 32.95 -11.30 20.06
CA GLU B 55 32.19 -11.02 18.84
C GLU B 55 31.17 -12.11 18.58
N THR B 56 30.16 -11.81 17.76
CA THR B 56 29.14 -12.78 17.41
C THR B 56 29.60 -13.59 16.20
N VAL B 57 29.16 -14.84 16.15
CA VAL B 57 29.45 -15.71 15.01
C VAL B 57 28.14 -16.18 14.38
N LYS B 58 27.92 -15.80 13.14
CA LYS B 58 26.71 -16.17 12.42
C LYS B 58 26.74 -17.64 12.06
N LEU B 59 25.72 -18.38 12.50
CA LEU B 59 25.62 -19.81 12.24
C LEU B 59 24.92 -20.07 10.91
N ASN B 60 23.80 -19.38 10.70
CA ASN B 60 22.98 -19.57 9.51
C ASN B 60 23.50 -18.77 8.32
N ARG B 61 22.97 -19.08 7.14
CA ARG B 61 23.29 -18.33 5.94
C ARG B 61 22.13 -17.36 5.67
N GLU B 62 21.10 -17.86 5.00
CA GLU B 62 19.92 -17.05 4.72
C GLU B 62 19.06 -16.93 6.00
N PRO B 63 18.22 -15.90 6.07
CA PRO B 63 17.38 -15.66 7.25
C PRO B 63 16.59 -16.89 7.71
N ILE B 64 16.43 -17.01 9.02
CA ILE B 64 15.64 -18.08 9.63
C ILE B 64 14.48 -17.48 10.40
N ASN B 65 13.71 -18.35 11.06
CA ASN B 65 12.57 -17.93 11.87
C ASN B 65 12.74 -18.24 13.35
N SER B 66 13.41 -19.35 13.66
CA SER B 66 13.77 -19.66 15.04
C SER B 66 14.78 -20.80 15.11
N VAL B 67 15.13 -21.19 16.33
CA VAL B 67 15.90 -22.41 16.56
C VAL B 67 15.19 -23.28 17.59
N LEU B 68 15.42 -24.59 17.50
CA LEU B 68 14.95 -25.52 18.51
C LEU B 68 15.78 -25.40 19.79
N ASP B 69 15.16 -25.69 20.92
CA ASP B 69 15.82 -25.57 22.22
C ASP B 69 16.90 -26.63 22.32
N PRO B 70 18.15 -26.21 22.51
CA PRO B 70 19.24 -27.16 22.67
C PRO B 70 19.39 -27.61 24.10
N HIS B 71 19.74 -28.86 24.31
CA HIS B 71 20.21 -29.31 25.62
C HIS B 71 21.58 -28.70 25.81
N TYR B 72 22.07 -28.70 27.04
CA TYR B 72 23.30 -27.98 27.33
C TYR B 72 24.51 -28.57 26.63
N GLY B 73 25.41 -27.68 26.22
CA GLY B 73 26.56 -27.99 25.38
C GLY B 73 26.46 -29.07 24.32
N VAL B 74 25.28 -29.21 23.70
CA VAL B 74 25.15 -30.00 22.48
C VAL B 74 25.96 -29.33 21.36
N GLY B 75 26.45 -30.12 20.41
CA GLY B 75 27.42 -29.63 19.43
C GLY B 75 26.85 -29.27 18.06
N ARG B 76 25.57 -28.94 18.02
CA ARG B 76 24.90 -28.52 16.79
C ARG B 76 23.71 -27.63 17.10
N VAL B 77 23.11 -27.06 16.06
CA VAL B 77 21.98 -26.16 16.19
C VAL B 77 20.96 -26.43 15.08
N ILE B 78 19.70 -26.53 15.46
CA ILE B 78 18.66 -26.79 14.47
C ILE B 78 17.92 -25.50 14.11
N LEU B 79 18.19 -24.98 12.92
CA LEU B 79 17.48 -23.82 12.42
C LEU B 79 16.11 -24.22 11.90
N VAL B 80 15.11 -23.38 12.15
CA VAL B 80 13.80 -23.53 11.55
C VAL B 80 13.60 -22.42 10.52
N ARG B 81 13.41 -22.81 9.26
CA ARG B 81 13.23 -21.84 8.19
C ARG B 81 12.01 -22.12 7.33
N ASP B 82 11.16 -21.10 7.22
CA ASP B 82 10.11 -21.03 6.20
C ASP B 82 10.68 -21.23 4.80
N VAL B 83 10.20 -22.25 4.09
CA VAL B 83 10.59 -22.47 2.70
C VAL B 83 9.41 -22.26 1.75
N SER B 84 8.48 -21.40 2.16
CA SER B 84 7.23 -21.20 1.44
C SER B 84 6.92 -19.71 1.27
N LYS B 85 7.94 -18.88 1.40
CA LYS B 85 7.80 -17.44 1.22
C LYS B 85 6.74 -16.85 2.14
N GLY B 86 6.67 -17.37 3.37
CA GLY B 86 5.89 -16.75 4.43
C GLY B 86 4.68 -17.54 4.90
N ALA B 87 4.36 -18.64 4.21
CA ALA B 87 3.19 -19.44 4.54
C ALA B 87 3.45 -20.38 5.71
N GLU B 88 4.68 -20.36 6.20
CA GLU B 88 5.05 -21.04 7.43
C GLU B 88 4.99 -22.57 7.30
N GLN B 89 5.28 -23.06 6.11
CA GLN B 89 5.73 -24.42 5.92
C GLN B 89 7.23 -24.43 6.10
N HIS B 90 7.68 -24.82 7.30
CA HIS B 90 9.09 -24.79 7.65
C HIS B 90 9.80 -26.10 7.34
N ALA B 91 11.08 -26.02 7.01
CA ALA B 91 11.97 -27.16 7.03
C ALA B 91 13.08 -26.92 8.05
N LEU B 92 13.71 -27.99 8.50
CA LEU B 92 14.73 -27.90 9.54
C LEU B 92 16.12 -28.09 8.95
N PHE B 93 17.04 -27.23 9.38
CA PHE B 93 18.43 -27.30 8.91
C PHE B 93 19.39 -27.44 10.09
N LYS B 94 20.31 -28.41 9.99
CA LYS B 94 21.27 -28.65 11.05
C LYS B 94 22.60 -27.97 10.75
N VAL B 95 23.18 -27.35 11.77
CA VAL B 95 24.43 -26.63 11.63
C VAL B 95 25.38 -27.04 12.74
N ASN B 96 26.51 -27.61 12.33
CA ASN B 96 27.56 -28.01 13.27
C ASN B 96 28.28 -26.75 13.77
N THR B 97 28.44 -26.64 15.09
CA THR B 97 28.93 -25.41 15.70
C THR B 97 30.42 -25.15 15.40
N SER B 98 31.13 -26.21 15.01
CA SER B 98 32.50 -26.08 14.54
C SER B 98 32.58 -25.43 13.16
N ARG B 99 31.67 -25.81 12.27
CA ARG B 99 31.60 -25.21 10.93
C ARG B 99 30.37 -24.33 10.77
N PRO B 100 30.41 -23.11 11.30
CA PRO B 100 29.31 -22.17 11.16
C PRO B 100 29.18 -21.59 9.75
N GLY B 101 27.99 -21.72 9.17
CA GLY B 101 27.71 -21.18 7.85
C GLY B 101 27.40 -22.27 6.85
N GLU B 102 27.61 -23.52 7.27
CA GLU B 102 27.28 -24.67 6.45
C GLU B 102 26.04 -25.34 7.00
N GLU B 103 25.03 -25.50 6.15
CA GLU B 103 23.75 -26.05 6.59
C GLU B 103 23.46 -27.38 5.90
N GLN B 104 22.83 -28.29 6.64
CA GLN B 104 22.37 -29.55 6.08
C GLN B 104 20.88 -29.69 6.33
N ARG B 105 20.10 -29.77 5.25
CA ARG B 105 18.66 -29.94 5.36
C ARG B 105 18.31 -31.34 5.85
N LEU B 106 17.33 -31.42 6.74
CA LEU B 106 16.83 -32.69 7.24
C LEU B 106 15.68 -33.16 6.35
N GLU B 107 16.03 -33.88 5.29
CA GLU B 107 15.09 -34.27 4.24
C GLU B 107 13.99 -35.21 4.73
N ALA B 108 14.25 -35.95 5.80
CA ALA B 108 13.27 -36.88 6.36
C ALA B 108 12.00 -36.16 6.86
N VAL B 109 12.16 -34.91 7.30
CA VAL B 109 11.04 -34.09 7.73
C VAL B 109 10.56 -33.20 6.57
N LYS B 110 9.40 -33.56 6.02
CA LYS B 110 8.75 -32.77 4.98
C LYS B 110 8.24 -31.43 5.52
N PRO B 111 8.15 -30.42 4.65
CA PRO B 111 7.63 -29.12 5.04
C PRO B 111 6.30 -29.20 5.81
N MET B 112 6.29 -28.59 6.99
CA MET B 112 5.08 -28.47 7.80
C MET B 112 5.23 -27.25 8.70
N ARG B 113 4.14 -26.80 9.32
CA ARG B 113 4.24 -25.74 10.32
C ARG B 113 4.89 -26.27 11.59
N ILE B 114 6.13 -25.86 11.83
CA ILE B 114 6.86 -26.24 13.03
C ILE B 114 6.49 -25.32 14.18
N LEU B 115 5.93 -25.89 15.24
CA LEU B 115 5.42 -25.14 16.39
C LEU B 115 6.40 -25.03 17.55
N SER B 116 7.23 -26.06 17.72
CA SER B 116 8.26 -26.07 18.77
C SER B 116 9.18 -27.27 18.61
N GLY B 117 10.17 -27.36 19.49
CA GLY B 117 11.05 -28.51 19.47
C GLY B 117 12.27 -28.42 20.36
N VAL B 118 12.78 -29.59 20.73
CA VAL B 118 13.98 -29.71 21.54
C VAL B 118 14.96 -30.66 20.86
N ASP B 119 16.23 -30.32 20.89
CA ASP B 119 17.29 -31.17 20.38
C ASP B 119 18.10 -31.72 21.56
N THR B 120 18.12 -33.04 21.71
CA THR B 120 18.89 -33.68 22.78
C THR B 120 20.31 -34.07 22.35
N GLY B 121 20.60 -33.92 21.06
CA GLY B 121 21.91 -34.29 20.52
C GLY B 121 21.85 -35.59 19.74
N GLU B 122 21.02 -36.52 20.23
CA GLU B 122 20.78 -37.79 19.55
C GLU B 122 19.41 -37.77 18.84
N ALA B 123 18.51 -36.91 19.30
CA ALA B 123 17.14 -36.89 18.77
C ALA B 123 16.55 -35.48 18.70
N VAL B 124 15.92 -35.19 17.58
CA VAL B 124 15.20 -33.93 17.39
C VAL B 124 13.70 -34.18 17.57
N VAL B 125 13.16 -33.71 18.69
CA VAL B 125 11.74 -33.87 19.00
C VAL B 125 11.01 -32.54 18.77
N PHE B 126 9.87 -32.59 18.09
CA PHE B 126 9.16 -31.36 17.74
C PHE B 126 7.68 -31.59 17.56
N THR B 127 6.91 -30.52 17.59
CA THR B 127 5.50 -30.56 17.24
C THR B 127 5.29 -29.83 15.93
N GLY B 128 4.35 -30.33 15.14
CA GLY B 128 4.13 -29.78 13.81
C GLY B 128 2.71 -29.98 13.34
N ALA B 129 2.23 -29.02 12.56
CA ALA B 129 0.88 -29.08 12.03
C ALA B 129 0.93 -29.24 10.52
N THR B 130 0.11 -30.15 10.00
CA THR B 130 -0.13 -30.27 8.57
C THR B 130 -1.63 -30.09 8.36
N GLU B 131 -2.11 -30.29 7.14
CA GLU B 131 -3.54 -30.12 6.88
C GLU B 131 -4.37 -31.14 7.65
N ASP B 132 -3.89 -32.37 7.70
CA ASP B 132 -4.67 -33.49 8.23
C ASP B 132 -4.48 -33.76 9.73
N ARG B 133 -3.47 -33.16 10.35
CA ARG B 133 -3.23 -33.36 11.78
C ARG B 133 -2.24 -32.40 12.45
N VAL B 134 -2.31 -32.35 13.78
CA VAL B 134 -1.22 -31.84 14.60
C VAL B 134 -0.61 -33.06 15.27
N ALA B 135 0.72 -33.10 15.38
CA ALA B 135 1.39 -34.27 15.94
C ALA B 135 2.74 -33.98 16.58
N LEU B 136 3.18 -34.93 17.39
CA LEU B 136 4.47 -34.90 18.05
C LEU B 136 5.39 -35.91 17.35
N TYR B 137 6.58 -35.44 16.95
CA TYR B 137 7.50 -36.21 16.13
C TYR B 137 8.84 -36.41 16.83
N ALA B 138 9.56 -37.47 16.44
CA ALA B 138 10.94 -37.66 16.86
C ALA B 138 11.81 -38.07 15.68
N LEU B 139 12.93 -37.37 15.48
CA LEU B 139 13.87 -37.70 14.42
C LEU B 139 15.24 -38.05 14.99
N ASP B 140 15.57 -39.34 14.94
CA ASP B 140 16.88 -39.82 15.38
C ASP B 140 17.61 -40.47 14.19
N GLY B 141 18.66 -41.25 14.49
CA GLY B 141 19.50 -41.83 13.47
C GLY B 141 18.84 -42.96 12.69
N GLY B 142 17.70 -43.44 13.19
CA GLY B 142 16.94 -44.46 12.52
C GLY B 142 15.67 -43.97 11.86
N GLY B 143 15.65 -42.69 11.46
CA GLY B 143 14.54 -42.13 10.73
C GLY B 143 13.60 -41.27 11.56
N LEU B 144 12.46 -40.93 10.97
CA LEU B 144 11.43 -40.11 11.62
C LEU B 144 10.29 -40.98 12.09
N ARG B 145 9.76 -40.69 13.27
CA ARG B 145 8.60 -41.40 13.79
C ARG B 145 7.53 -40.42 14.31
N GLU B 146 6.26 -40.76 14.07
CA GLU B 146 5.16 -40.01 14.67
C GLU B 146 4.84 -40.61 16.04
N LEU B 147 5.17 -39.86 17.10
CA LEU B 147 5.01 -40.33 18.47
C LEU B 147 3.56 -40.33 18.93
N ALA B 148 2.82 -39.29 18.58
CA ALA B 148 1.42 -39.16 18.98
C ALA B 148 0.70 -38.05 18.24
N ARG B 149 -0.62 -38.18 18.12
CA ARG B 149 -1.46 -37.14 17.54
C ARG B 149 -2.07 -36.28 18.64
N LEU B 150 -2.10 -34.97 18.39
CA LEU B 150 -2.64 -34.00 19.35
C LEU B 150 -3.96 -33.42 18.84
N PRO B 151 -4.89 -33.17 19.76
CA PRO B 151 -6.15 -32.49 19.43
C PRO B 151 -5.97 -31.11 18.83
N GLY B 152 -5.02 -30.34 19.35
CA GLY B 152 -4.76 -29.00 18.84
C GLY B 152 -3.34 -28.55 19.10
N PHE B 153 -3.11 -27.24 19.08
CA PHE B 153 -1.79 -26.67 19.36
C PHE B 153 -1.12 -27.37 20.54
N GLY B 154 0.15 -27.73 20.36
CA GLY B 154 0.91 -28.44 21.37
C GLY B 154 2.38 -28.07 21.30
N PHE B 155 3.02 -27.97 22.46
CA PHE B 155 4.36 -27.40 22.57
C PHE B 155 5.27 -28.25 23.43
N VAL B 156 6.40 -28.68 22.88
CA VAL B 156 7.40 -29.40 23.67
C VAL B 156 8.05 -28.44 24.65
N SER B 157 8.01 -28.80 25.92
CA SER B 157 8.54 -27.96 27.00
C SER B 157 9.92 -28.44 27.46
N ASP B 158 10.09 -29.76 27.59
CA ASP B 158 11.32 -30.32 28.14
C ASP B 158 11.44 -31.83 27.90
N ILE B 159 12.68 -32.31 27.78
CA ILE B 159 12.97 -33.73 27.72
C ILE B 159 14.11 -34.10 28.67
N ARG B 160 13.87 -35.12 29.48
CA ARG B 160 14.89 -35.70 30.35
C ARG B 160 14.86 -37.21 30.20
N GLY B 161 15.90 -37.78 29.61
CA GLY B 161 15.91 -39.20 29.29
C GLY B 161 14.86 -39.51 28.22
N ASP B 162 13.93 -40.41 28.54
CA ASP B 162 12.91 -40.83 27.59
C ASP B 162 11.59 -40.13 27.84
N LEU B 163 11.53 -39.28 28.86
CA LEU B 163 10.29 -38.57 29.17
C LEU B 163 10.21 -37.24 28.43
N ILE B 164 9.10 -37.06 27.72
CA ILE B 164 8.82 -35.80 27.03
C ILE B 164 7.60 -35.14 27.67
N ALA B 165 7.77 -33.91 28.14
CA ALA B 165 6.68 -33.15 28.72
C ALA B 165 6.37 -31.95 27.85
N GLY B 166 5.13 -31.48 27.90
CA GLY B 166 4.70 -30.39 27.05
C GLY B 166 3.38 -29.78 27.47
N LEU B 167 2.96 -28.78 26.72
CA LEU B 167 1.72 -28.06 27.01
C LEU B 167 0.78 -28.13 25.82
N GLY B 168 -0.50 -28.38 26.09
CA GLY B 168 -1.48 -28.59 25.04
C GLY B 168 -2.72 -27.73 25.17
N PHE B 169 -3.00 -26.93 24.15
CA PHE B 169 -4.26 -26.22 24.05
C PHE B 169 -5.31 -27.15 23.43
N PHE B 170 -5.85 -28.02 24.26
CA PHE B 170 -6.64 -29.17 23.80
C PHE B 170 -8.15 -29.06 23.99
N GLY B 171 -8.63 -27.98 24.62
CA GLY B 171 -10.06 -27.78 24.75
C GLY B 171 -10.49 -26.65 25.67
N GLY B 172 -11.39 -25.80 25.16
CA GLY B 172 -12.07 -24.80 25.97
C GLY B 172 -11.19 -23.65 26.45
N GLY B 173 -10.08 -23.41 25.77
CA GLY B 173 -9.14 -22.37 26.17
C GLY B 173 -8.14 -22.83 27.20
N ARG B 174 -8.35 -24.01 27.77
CA ARG B 174 -7.50 -24.51 28.84
C ARG B 174 -6.19 -25.09 28.31
N VAL B 175 -5.15 -24.99 29.12
CA VAL B 175 -3.86 -25.57 28.77
C VAL B 175 -3.61 -26.80 29.63
N SER B 176 -3.50 -27.95 28.98
CA SER B 176 -3.20 -29.21 29.65
C SER B 176 -1.69 -29.44 29.71
N LEU B 177 -1.29 -30.39 30.53
CA LEU B 177 0.04 -30.97 30.44
C LEU B 177 -0.09 -32.31 29.70
N PHE B 178 0.88 -32.62 28.85
CA PHE B 178 0.94 -33.93 28.22
C PHE B 178 2.35 -34.52 28.28
N THR B 179 2.41 -35.84 28.42
CA THR B 179 3.69 -36.56 28.35
C THR B 179 3.70 -37.56 27.21
N SER B 180 4.91 -38.00 26.87
CA SER B 180 5.10 -39.08 25.92
C SER B 180 6.45 -39.75 26.15
N ASN B 181 6.65 -40.89 25.51
CA ASN B 181 7.93 -41.61 25.55
C ASN B 181 8.73 -41.36 24.28
N LEU B 182 10.00 -41.01 24.43
CA LEU B 182 10.88 -40.74 23.31
C LEU B 182 11.05 -41.95 22.38
N SER B 183 11.02 -43.15 22.97
CA SER B 183 11.27 -44.38 22.23
C SER B 183 9.99 -45.05 21.71
N SER B 184 8.98 -45.10 22.56
CA SER B 184 7.76 -45.85 22.22
C SER B 184 6.57 -44.93 21.89
N GLY B 185 6.78 -43.63 22.02
CA GLY B 185 5.72 -42.66 21.80
C GLY B 185 4.57 -42.82 22.80
N GLY B 186 3.36 -42.57 22.34
CA GLY B 186 2.19 -42.59 23.19
C GLY B 186 1.82 -41.19 23.64
N LEU B 187 0.76 -41.09 24.44
CA LEU B 187 0.32 -39.79 24.96
C LEU B 187 -0.57 -39.93 26.19
N ARG B 188 -0.14 -39.34 27.29
CA ARG B 188 -0.97 -39.15 28.47
C ARG B 188 -1.30 -37.66 28.61
N VAL B 189 -2.52 -37.36 29.06
CA VAL B 189 -2.97 -35.98 29.22
C VAL B 189 -3.53 -35.71 30.62
N PHE B 190 -3.05 -34.63 31.22
CA PHE B 190 -3.41 -34.25 32.60
C PHE B 190 -4.06 -32.86 32.62
N ASP B 191 -5.31 -32.81 33.09
CA ASP B 191 -6.10 -31.58 33.09
C ASP B 191 -6.44 -31.15 34.51
N SER B 192 -6.10 -29.92 34.87
CA SER B 192 -6.39 -29.40 36.21
C SER B 192 -7.81 -28.84 36.27
N GLY B 193 -8.45 -28.99 37.42
CA GLY B 193 -9.79 -28.45 37.64
C GLY B 193 -9.78 -27.01 38.11
N GLU B 194 -8.61 -26.53 38.50
CA GLU B 194 -8.44 -25.17 39.00
C GLU B 194 -8.02 -24.17 37.93
N GLY B 195 -7.34 -24.64 36.89
CA GLY B 195 -6.85 -23.75 35.84
C GLY B 195 -5.96 -24.38 34.79
N SER B 196 -5.01 -23.61 34.28
CA SER B 196 -4.19 -24.00 33.14
C SER B 196 -2.70 -23.97 33.45
N PHE B 197 -1.98 -24.97 32.94
CA PHE B 197 -0.53 -25.03 33.08
C PHE B 197 0.16 -24.07 32.10
N SER B 198 1.11 -23.28 32.60
CA SER B 198 1.77 -22.24 31.81
C SER B 198 3.18 -22.63 31.38
N SER B 199 3.87 -23.40 32.21
CA SER B 199 5.22 -23.85 31.90
C SER B 199 5.49 -25.22 32.53
N ALA B 200 6.51 -25.90 32.01
CA ALA B 200 6.83 -27.25 32.47
C ALA B 200 8.32 -27.58 32.38
N SER B 201 8.79 -28.39 33.32
CA SER B 201 10.17 -28.87 33.30
C SER B 201 10.31 -30.12 34.18
N ILE B 202 11.04 -31.11 33.67
CA ILE B 202 11.17 -32.40 34.35
C ILE B 202 12.30 -32.36 35.38
N SER B 203 11.94 -32.59 36.65
CA SER B 203 12.91 -32.64 37.74
C SER B 203 13.79 -33.88 37.66
N PRO B 204 14.93 -33.85 38.34
CA PRO B 204 15.76 -35.05 38.52
C PRO B 204 14.99 -36.30 38.91
N GLY B 205 13.96 -36.16 39.74
CA GLY B 205 13.14 -37.29 40.18
C GLY B 205 12.11 -37.77 39.18
N MET B 206 12.23 -37.34 37.92
CA MET B 206 11.33 -37.70 36.83
C MET B 206 9.85 -37.36 37.08
N LYS B 207 9.59 -36.33 37.89
CA LYS B 207 8.27 -35.75 37.98
C LYS B 207 8.27 -34.52 37.09
N VAL B 208 7.11 -33.92 36.86
CA VAL B 208 7.02 -32.72 36.06
CA VAL B 208 7.03 -32.71 36.06
C VAL B 208 6.60 -31.52 36.92
N THR B 209 7.55 -30.63 37.16
CA THR B 209 7.27 -29.36 37.83
C THR B 209 6.59 -28.46 36.82
N ALA B 210 5.54 -27.77 37.24
CA ALA B 210 4.74 -26.96 36.32
C ALA B 210 4.07 -25.78 37.00
N GLY B 211 4.06 -24.64 36.31
CA GLY B 211 3.32 -23.48 36.74
C GLY B 211 1.83 -23.69 36.52
N LEU B 212 1.03 -23.43 37.56
CA LEU B 212 -0.41 -23.60 37.49
C LEU B 212 -1.09 -22.25 37.75
N GLU B 213 -1.64 -21.67 36.69
CA GLU B 213 -2.36 -20.40 36.80
C GLU B 213 -3.84 -20.66 37.09
N THR B 214 -4.29 -20.19 38.26
CA THR B 214 -5.70 -20.32 38.65
C THR B 214 -6.38 -18.95 38.63
N ALA B 215 -7.64 -18.91 39.07
CA ALA B 215 -8.47 -17.71 39.06
C ALA B 215 -7.70 -16.38 39.09
N ARG B 216 -7.16 -16.03 40.25
CA ARG B 216 -6.49 -14.74 40.42
C ARG B 216 -5.14 -14.85 41.13
N GLU B 217 -4.37 -15.88 40.76
CA GLU B 217 -3.03 -16.10 41.31
C GLU B 217 -2.32 -17.24 40.56
N ALA B 218 -1.19 -17.70 41.08
CA ALA B 218 -0.45 -18.81 40.48
C ALA B 218 0.53 -19.45 41.45
N ARG B 219 0.85 -20.72 41.22
CA ARG B 219 1.80 -21.43 42.08
C ARG B 219 2.45 -22.64 41.40
N LEU B 220 3.48 -23.17 42.04
CA LEU B 220 4.20 -24.33 41.51
C LEU B 220 3.61 -25.63 42.03
N VAL B 221 3.49 -26.60 41.13
CA VAL B 221 2.97 -27.93 41.47
C VAL B 221 3.85 -29.02 40.85
N THR B 222 3.65 -30.24 41.35
CA THR B 222 4.45 -31.39 40.96
C THR B 222 3.52 -32.51 40.52
N VAL B 223 3.56 -32.84 39.23
CA VAL B 223 2.71 -33.87 38.66
C VAL B 223 3.50 -35.16 38.45
N ASP B 224 2.98 -36.27 38.98
CA ASP B 224 3.54 -37.59 38.67
C ASP B 224 2.88 -38.09 37.37
N PRO B 225 3.68 -38.31 36.33
CA PRO B 225 3.12 -38.77 35.04
C PRO B 225 2.73 -40.25 35.05
N ARG B 226 3.01 -40.95 36.14
CA ARG B 226 2.76 -42.39 36.24
C ARG B 226 1.36 -42.70 36.79
N ASP B 227 0.83 -41.81 37.63
CA ASP B 227 -0.52 -41.99 38.18
C ASP B 227 -1.38 -40.71 38.16
N GLY B 228 -0.88 -39.67 37.50
CA GLY B 228 -1.63 -38.45 37.28
C GLY B 228 -1.85 -37.56 38.51
N SER B 229 -1.12 -37.85 39.59
CA SER B 229 -1.34 -37.18 40.87
C SER B 229 -0.67 -35.80 40.88
N VAL B 230 -1.15 -34.91 41.72
CA VAL B 230 -0.61 -33.55 41.76
C VAL B 230 -0.60 -32.97 43.17
N GLU B 231 0.53 -32.35 43.52
CA GLU B 231 0.69 -31.74 44.84
C GLU B 231 1.47 -30.44 44.74
N ASP B 232 1.23 -29.54 45.69
CA ASP B 232 1.90 -28.24 45.70
C ASP B 232 3.39 -28.38 46.04
N LEU B 233 4.22 -27.62 45.32
CA LEU B 233 5.66 -27.61 45.53
C LEU B 233 6.06 -26.43 46.43
N GLU B 234 6.77 -26.75 47.51
CA GLU B 234 7.26 -25.73 48.44
C GLU B 234 8.78 -25.64 48.33
N LEU B 235 9.29 -24.42 48.19
CA LEU B 235 10.70 -24.18 47.91
C LEU B 235 11.44 -23.77 49.18
N PRO B 236 12.77 -23.94 49.18
CA PRO B 236 13.59 -23.57 50.34
C PRO B 236 13.29 -22.16 50.89
N SER B 237 13.38 -21.15 50.03
CA SER B 237 13.11 -19.77 50.43
C SER B 237 11.63 -19.44 50.22
N LYS B 238 11.16 -18.36 50.85
CA LYS B 238 9.77 -17.96 50.77
C LYS B 238 9.53 -16.69 49.94
N ASP B 239 10.50 -16.33 49.10
CA ASP B 239 10.40 -15.11 48.30
C ASP B 239 9.41 -15.28 47.15
N PHE B 240 9.37 -16.46 46.55
CA PHE B 240 8.46 -16.74 45.44
C PHE B 240 7.02 -16.80 45.93
N SER B 241 6.80 -17.53 47.01
CA SER B 241 5.46 -17.64 47.59
C SER B 241 4.95 -16.28 48.02
N SER B 242 5.83 -15.50 48.65
CA SER B 242 5.48 -14.18 49.18
C SER B 242 5.42 -13.10 48.10
N TYR B 243 5.82 -13.43 46.88
CA TYR B 243 5.71 -12.51 45.75
C TYR B 243 4.27 -12.41 45.23
N ARG B 244 3.47 -13.43 45.52
CA ARG B 244 2.08 -13.47 45.05
C ARG B 244 2.03 -13.35 43.53
N PRO B 245 2.62 -14.32 42.84
CA PRO B 245 2.66 -14.30 41.37
C PRO B 245 1.29 -14.62 40.80
N THR B 246 0.82 -13.79 39.87
CA THR B 246 -0.46 -14.02 39.23
C THR B 246 -0.32 -14.87 37.97
N ALA B 247 0.93 -15.04 37.51
CA ALA B 247 1.23 -15.82 36.31
C ALA B 247 2.69 -16.27 36.29
N ILE B 248 2.96 -17.38 35.62
CA ILE B 248 4.32 -17.90 35.51
C ILE B 248 4.78 -17.99 34.07
N THR B 249 5.83 -17.23 33.75
CA THR B 249 6.34 -17.10 32.39
C THR B 249 7.06 -18.35 31.91
N TRP B 250 7.99 -18.83 32.72
CA TRP B 250 8.90 -19.91 32.34
C TRP B 250 9.54 -20.54 33.56
N LEU B 251 9.80 -21.84 33.49
CA LEU B 251 10.64 -22.50 34.49
C LEU B 251 11.54 -23.54 33.82
N GLY B 252 12.59 -23.93 34.53
CA GLY B 252 13.53 -24.90 34.00
C GLY B 252 14.66 -25.20 34.96
N TYR B 253 15.04 -26.48 35.02
CA TYR B 253 16.12 -26.91 35.89
C TYR B 253 17.48 -26.64 35.24
N LEU B 254 18.33 -25.92 35.97
CA LEU B 254 19.72 -25.68 35.56
C LEU B 254 20.51 -26.98 35.65
N PRO B 255 21.64 -27.06 34.93
CA PRO B 255 22.50 -28.25 34.98
C PRO B 255 23.01 -28.60 36.38
N ASP B 256 23.02 -27.63 37.30
CA ASP B 256 23.46 -27.89 38.67
C ASP B 256 22.31 -28.22 39.62
N GLY B 257 21.12 -28.43 39.05
CA GLY B 257 19.98 -28.96 39.80
C GLY B 257 18.98 -27.93 40.31
N ARG B 258 19.40 -26.67 40.39
CA ARG B 258 18.57 -25.61 40.94
C ARG B 258 17.43 -25.25 39.99
N LEU B 259 16.26 -24.95 40.55
CA LEU B 259 15.09 -24.59 39.75
C LEU B 259 15.00 -23.08 39.54
N ALA B 260 15.26 -22.66 38.31
CA ALA B 260 15.06 -21.27 37.91
C ALA B 260 13.61 -21.05 37.52
N VAL B 261 13.01 -19.97 38.02
CA VAL B 261 11.63 -19.62 37.73
C VAL B 261 11.47 -18.12 37.48
N VAL B 262 10.77 -17.79 36.41
CA VAL B 262 10.37 -16.41 36.14
C VAL B 262 8.86 -16.30 36.28
N ALA B 263 8.43 -15.44 37.20
CA ALA B 263 7.01 -15.20 37.45
C ALA B 263 6.68 -13.71 37.38
N ARG B 264 5.44 -13.38 37.08
CA ARG B 264 5.05 -11.99 36.92
C ARG B 264 3.71 -11.62 37.53
N ARG B 265 3.56 -10.32 37.78
CA ARG B 265 2.28 -9.72 38.14
C ARG B 265 2.27 -8.26 37.68
N GLU B 266 1.13 -7.82 37.17
CA GLU B 266 0.96 -6.45 36.69
C GLU B 266 1.96 -6.08 35.59
N GLY B 267 2.27 -7.04 34.73
CA GLY B 267 3.11 -6.80 33.57
C GLY B 267 4.60 -6.68 33.85
N ARG B 268 5.03 -7.16 35.02
CA ARG B 268 6.46 -7.12 35.38
C ARG B 268 6.87 -8.42 36.04
N SER B 269 8.00 -8.96 35.60
CA SER B 269 8.47 -10.27 36.09
C SER B 269 9.58 -10.15 37.14
N ALA B 270 10.00 -11.30 37.63
CA ALA B 270 11.03 -11.38 38.67
C ALA B 270 11.64 -12.78 38.67
N VAL B 271 12.95 -12.87 38.85
CA VAL B 271 13.65 -14.15 38.76
C VAL B 271 13.79 -14.76 40.16
N PHE B 272 13.73 -16.09 40.22
CA PHE B 272 13.82 -16.83 41.48
C PHE B 272 14.60 -18.14 41.30
N ILE B 273 15.68 -18.29 42.06
CA ILE B 273 16.47 -19.51 42.02
C ILE B 273 16.25 -20.28 43.31
N ASP B 274 15.63 -21.44 43.21
CA ASP B 274 15.25 -22.26 44.36
C ASP B 274 14.37 -21.46 45.33
N GLY B 275 13.45 -20.67 44.77
CA GLY B 275 12.52 -19.89 45.55
C GLY B 275 13.03 -18.52 46.00
N GLU B 276 14.33 -18.27 45.84
CA GLU B 276 14.94 -17.05 46.35
C GLU B 276 15.07 -15.97 45.28
N ARG B 277 14.68 -14.75 45.63
CA ARG B 277 14.76 -13.62 44.72
C ARG B 277 16.18 -13.38 44.22
N VAL B 278 16.31 -13.22 42.92
CA VAL B 278 17.55 -12.74 42.30
C VAL B 278 17.22 -11.43 41.59
N GLU B 279 18.01 -10.39 41.87
CA GLU B 279 17.71 -9.04 41.37
C GLU B 279 18.02 -8.90 39.88
N ALA B 280 17.00 -8.53 39.11
CA ALA B 280 17.16 -8.27 37.68
C ALA B 280 16.62 -6.88 37.35
N PRO B 281 17.04 -6.33 36.20
CA PRO B 281 16.51 -5.04 35.73
C PRO B 281 14.99 -5.02 35.57
N GLN B 282 14.40 -3.88 35.88
CA GLN B 282 12.95 -3.71 35.84
C GLN B 282 12.37 -3.88 34.44
N GLY B 283 11.38 -4.76 34.33
CA GLY B 283 10.76 -5.10 33.05
C GLY B 283 10.31 -6.55 33.02
N ASN B 284 10.55 -7.22 31.91
CA ASN B 284 10.23 -8.65 31.79
C ASN B 284 11.43 -9.46 31.32
N HIS B 285 11.47 -10.71 31.75
CA HIS B 285 12.63 -11.56 31.47
C HIS B 285 12.20 -12.88 30.83
N GLY B 286 13.10 -13.44 30.02
CA GLY B 286 12.86 -14.69 29.34
C GLY B 286 13.44 -15.85 30.12
N ARG B 287 13.90 -16.88 29.41
CA ARG B 287 14.47 -18.06 30.06
C ARG B 287 15.79 -17.71 30.75
N VAL B 288 16.16 -18.53 31.72
CA VAL B 288 17.40 -18.34 32.45
C VAL B 288 18.34 -19.51 32.21
N VAL B 289 19.63 -19.20 32.01
CA VAL B 289 20.63 -20.22 31.74
C VAL B 289 21.89 -20.01 32.58
N LEU B 290 22.66 -21.08 32.73
CA LEU B 290 23.91 -21.04 33.47
C LEU B 290 25.08 -21.06 32.49
N TRP B 291 25.84 -19.97 32.46
CA TRP B 291 26.92 -19.79 31.50
C TRP B 291 28.20 -19.39 32.22
N ARG B 292 29.17 -20.30 32.23
CA ARG B 292 30.43 -20.10 32.93
C ARG B 292 30.23 -19.78 34.41
N GLY B 293 29.27 -20.47 35.04
CA GLY B 293 29.01 -20.34 36.45
C GLY B 293 28.07 -19.20 36.84
N LYS B 294 27.75 -18.33 35.88
CA LYS B 294 26.96 -17.13 36.16
C LYS B 294 25.57 -17.25 35.54
N LEU B 295 24.61 -16.53 36.11
CA LEU B 295 23.25 -16.51 35.60
C LEU B 295 23.13 -15.55 34.43
N VAL B 296 22.29 -15.92 33.47
CA VAL B 296 22.10 -15.13 32.25
C VAL B 296 20.66 -15.28 31.75
N THR B 297 20.00 -14.15 31.50
CA THR B 297 18.64 -14.16 30.95
C THR B 297 18.44 -13.01 29.96
N SER B 298 17.32 -13.02 29.26
CA SER B 298 16.95 -11.89 28.42
C SER B 298 16.19 -10.86 29.25
N HIS B 299 16.29 -9.60 28.85
CA HIS B 299 15.58 -8.52 29.52
C HIS B 299 14.99 -7.57 28.50
N THR B 300 13.80 -7.07 28.78
CA THR B 300 13.20 -6.04 27.96
C THR B 300 12.30 -5.13 28.80
N SER B 301 11.94 -4.00 28.21
CA SER B 301 11.01 -3.07 28.83
C SER B 301 10.49 -2.13 27.75
N LEU B 302 9.57 -1.25 28.12
CA LEU B 302 9.00 -0.30 27.16
C LEU B 302 10.05 0.69 26.67
N SER B 303 11.10 0.90 27.47
CA SER B 303 12.20 1.78 27.12
C SER B 303 13.48 1.01 26.73
N THR B 304 13.38 -0.31 26.62
CA THR B 304 14.57 -1.14 26.38
C THR B 304 14.29 -2.34 25.46
N PRO B 305 14.73 -2.25 24.21
CA PRO B 305 14.66 -3.40 23.28
C PRO B 305 15.33 -4.66 23.84
N PRO B 306 14.78 -5.83 23.53
CA PRO B 306 15.30 -7.10 24.07
C PRO B 306 16.81 -7.23 23.99
N ARG B 307 17.40 -7.73 25.07
CA ARG B 307 18.86 -7.83 25.20
C ARG B 307 19.22 -9.00 26.11
N ILE B 308 20.49 -9.38 26.10
CA ILE B 308 21.00 -10.42 26.98
C ILE B 308 21.79 -9.75 28.10
N VAL B 309 21.47 -10.08 29.34
CA VAL B 309 22.16 -9.51 30.51
C VAL B 309 22.57 -10.54 31.54
N SER B 310 23.61 -10.23 32.30
CA SER B 310 24.04 -11.02 33.44
C SER B 310 23.22 -10.65 34.68
N LEU B 311 23.12 -11.58 35.62
CA LEU B 311 22.46 -11.33 36.91
C LEU B 311 23.43 -11.72 38.01
N PRO B 312 23.38 -11.05 39.16
CA PRO B 312 22.37 -10.04 39.49
C PRO B 312 22.71 -8.59 39.11
N SER B 313 23.90 -8.35 38.55
CA SER B 313 24.36 -6.99 38.28
C SER B 313 23.54 -6.25 37.21
N GLY B 314 23.11 -6.98 36.18
CA GLY B 314 22.32 -6.40 35.09
C GLY B 314 23.16 -5.82 33.96
N GLU B 315 24.44 -6.19 33.91
CA GLU B 315 25.35 -5.73 32.85
C GLU B 315 25.05 -6.47 31.53
N PRO B 316 25.09 -5.76 30.40
CA PRO B 316 24.71 -6.35 29.11
C PRO B 316 25.82 -7.09 28.37
N LEU B 317 25.52 -8.31 27.90
CA LEU B 317 26.43 -9.09 27.06
C LEU B 317 26.14 -8.84 25.59
N LEU B 318 24.88 -8.56 25.30
CA LEU B 318 24.41 -8.29 23.95
CA LEU B 318 24.41 -8.29 23.95
C LEU B 318 23.20 -7.36 24.02
N GLU B 319 23.45 -6.08 23.81
CA GLU B 319 22.43 -5.04 23.82
C GLU B 319 22.49 -4.30 22.49
N GLY B 320 21.33 -4.13 21.87
CA GLY B 320 21.22 -3.20 20.76
C GLY B 320 21.00 -1.82 21.32
N GLY B 321 22.02 -0.96 21.18
CA GLY B 321 21.97 0.39 21.68
C GLY B 321 20.96 1.23 20.91
N LEU B 322 19.82 1.48 21.53
CA LEU B 322 18.81 2.38 20.97
C LEU B 322 19.37 3.79 20.98
N PRO B 323 19.07 4.58 19.95
CA PRO B 323 19.52 5.97 19.91
C PRO B 323 18.81 6.86 20.95
N GLU B 324 19.53 7.85 21.46
CA GLU B 324 19.03 8.72 22.53
C GLU B 324 17.83 9.57 22.11
N ASP B 325 17.86 10.07 20.87
CA ASP B 325 16.77 10.89 20.37
C ASP B 325 15.46 10.10 20.28
N LEU B 326 15.56 8.81 19.95
CA LEU B 326 14.39 7.93 19.93
C LEU B 326 13.90 7.57 21.33
N ARG B 327 14.82 7.54 22.29
CA ARG B 327 14.49 7.33 23.71
C ARG B 327 13.65 8.49 24.26
N ARG B 328 13.99 9.71 23.87
CA ARG B 328 13.33 10.91 24.36
C ARG B 328 11.92 11.08 23.80
N SER B 329 11.60 10.38 22.72
CA SER B 329 10.27 10.43 22.11
C SER B 329 9.21 9.74 22.97
N ILE B 330 9.64 8.94 23.94
CA ILE B 330 8.76 8.38 24.96
C ILE B 330 8.89 9.20 26.24
N ALA B 331 7.91 10.08 26.47
CA ALA B 331 7.92 10.98 27.63
C ALA B 331 7.62 10.27 28.96
N GLY B 332 6.93 9.14 28.90
CA GLY B 332 6.60 8.41 30.12
C GLY B 332 5.73 7.18 29.91
N SER B 333 5.46 6.45 30.99
CA SER B 333 4.62 5.25 30.93
C SER B 333 3.96 4.90 32.27
N ARG B 334 2.68 4.55 32.22
CA ARG B 334 1.93 4.17 33.42
C ARG B 334 1.13 2.89 33.22
N LEU B 335 0.87 2.19 34.33
CA LEU B 335 -0.16 1.16 34.38
C LEU B 335 -1.40 1.77 35.02
N VAL B 336 -2.52 1.77 34.30
CA VAL B 336 -3.79 2.25 34.84
C VAL B 336 -4.88 1.19 34.75
N TRP B 337 -5.90 1.34 35.59
CA TRP B 337 -6.97 0.35 35.70
C TRP B 337 -8.30 0.94 35.26
N VAL B 338 -8.72 0.59 34.05
CA VAL B 338 -9.91 1.19 33.44
C VAL B 338 -11.17 0.41 33.80
N GLU B 339 -12.18 1.14 34.28
CA GLU B 339 -13.47 0.54 34.61
C GLU B 339 -14.23 0.18 33.34
N SER B 340 -14.55 -1.09 33.19
CA SER B 340 -15.28 -1.58 32.00
C SER B 340 -16.79 -1.63 32.23
N PHE B 341 -17.50 -2.20 31.26
CA PHE B 341 -18.96 -2.16 31.24
C PHE B 341 -19.67 -2.89 32.37
N ASP B 342 -18.96 -3.78 33.05
CA ASP B 342 -19.57 -4.63 34.08
C ASP B 342 -18.90 -4.48 35.44
N GLY B 343 -18.10 -3.42 35.60
CA GLY B 343 -17.40 -3.20 36.85
C GLY B 343 -16.00 -3.81 36.93
N SER B 344 -15.64 -4.66 35.97
CA SER B 344 -14.30 -5.24 35.90
C SER B 344 -13.25 -4.16 35.62
N ARG B 345 -12.04 -4.37 36.12
CA ARG B 345 -10.96 -3.40 35.94
C ARG B 345 -9.93 -3.93 34.94
N VAL B 346 -9.77 -3.19 33.85
CA VAL B 346 -8.94 -3.59 32.71
C VAL B 346 -7.55 -2.95 32.83
N PRO B 347 -6.54 -3.75 33.19
CA PRO B 347 -5.17 -3.24 33.31
C PRO B 347 -4.63 -2.76 31.96
N THR B 348 -4.21 -1.51 31.91
CA THR B 348 -3.93 -0.84 30.65
C THR B 348 -2.61 -0.09 30.70
N TYR B 349 -1.70 -0.43 29.79
CA TYR B 349 -0.41 0.28 29.73
C TYR B 349 -0.51 1.51 28.83
N VAL B 350 0.17 2.57 29.24
CA VAL B 350 0.04 3.87 28.58
C VAL B 350 1.40 4.52 28.31
N LEU B 351 1.62 4.87 27.05
CA LEU B 351 2.78 5.67 26.65
C LEU B 351 2.32 7.08 26.30
N GLU B 352 2.95 8.07 26.92
CA GLU B 352 2.79 9.46 26.49
C GLU B 352 3.90 9.78 25.50
N SER B 353 3.55 10.45 24.41
CA SER B 353 4.54 10.89 23.44
C SER B 353 5.09 12.25 23.86
N GLY B 354 6.41 12.41 23.76
CA GLY B 354 7.06 13.68 24.01
C GLY B 354 6.90 14.62 22.83
N ARG B 355 6.48 14.07 21.70
CA ARG B 355 6.25 14.82 20.48
C ARG B 355 4.76 15.07 20.23
N ALA B 356 3.95 14.89 21.26
CA ALA B 356 2.53 15.20 21.21
C ALA B 356 2.15 16.16 22.34
N PRO B 357 1.04 16.87 22.18
CA PRO B 357 0.47 17.67 23.27
C PRO B 357 -0.43 16.82 24.16
N THR B 358 -0.81 17.36 25.31
CA THR B 358 -1.77 16.72 26.21
C THR B 358 -2.88 17.72 26.53
N PRO B 359 -4.11 17.46 26.07
CA PRO B 359 -4.46 16.22 25.37
C PRO B 359 -3.91 16.16 23.95
N GLY B 360 -3.88 14.98 23.35
CA GLY B 360 -3.35 14.82 22.01
C GLY B 360 -3.76 13.54 21.31
N PRO B 361 -3.36 13.43 20.04
CA PRO B 361 -3.64 12.25 19.23
C PRO B 361 -3.30 10.98 19.99
N THR B 362 -4.25 10.04 20.03
CA THR B 362 -4.09 8.83 20.81
C THR B 362 -4.56 7.61 20.03
N VAL B 363 -3.76 6.56 20.07
CA VAL B 363 -4.09 5.31 19.40
C VAL B 363 -4.26 4.21 20.44
N VAL B 364 -5.38 3.51 20.40
CA VAL B 364 -5.58 2.32 21.20
C VAL B 364 -4.99 1.14 20.43
N LEU B 365 -3.75 0.78 20.78
CA LEU B 365 -3.03 -0.31 20.12
C LEU B 365 -3.36 -1.64 20.76
N VAL B 366 -4.18 -2.42 20.05
CA VAL B 366 -4.78 -3.64 20.59
C VAL B 366 -3.93 -4.86 20.26
N HIS B 367 -3.48 -5.57 21.30
CA HIS B 367 -2.64 -6.74 21.12
C HIS B 367 -3.41 -7.91 20.51
N GLY B 368 -2.66 -8.81 19.87
CA GLY B 368 -3.23 -9.99 19.26
C GLY B 368 -3.29 -11.17 20.21
N GLY B 369 -3.55 -12.34 19.66
CA GLY B 369 -3.52 -13.57 20.43
C GLY B 369 -4.76 -14.43 20.20
N PRO B 370 -5.79 -14.27 21.03
CA PRO B 370 -5.85 -13.22 22.06
C PRO B 370 -5.10 -13.53 23.35
N PHE B 371 -4.55 -14.74 23.50
CA PHE B 371 -3.84 -15.09 24.72
C PHE B 371 -2.43 -14.50 24.73
N ALA B 372 -2.38 -13.19 24.94
CA ALA B 372 -1.15 -12.43 25.06
C ALA B 372 -1.41 -11.21 25.95
N GLU B 373 -0.39 -10.38 26.15
CA GLU B 373 -0.56 -9.22 27.01
C GLU B 373 0.30 -8.01 26.63
N ASP B 374 -0.21 -6.83 26.95
CA ASP B 374 0.57 -5.62 26.94
C ASP B 374 1.23 -5.49 28.29
N SER B 375 2.55 -5.49 28.30
CA SER B 375 3.32 -5.48 29.53
C SER B 375 4.43 -4.45 29.43
N ASP B 376 5.26 -4.37 30.46
CA ASP B 376 6.50 -3.60 30.38
C ASP B 376 7.49 -4.38 29.51
N SER B 377 7.28 -4.28 28.20
CA SER B 377 8.09 -5.00 27.22
C SER B 377 8.18 -4.14 25.96
N TRP B 378 9.28 -4.29 25.22
CA TRP B 378 9.47 -3.51 24.00
C TRP B 378 8.41 -3.84 22.96
N ASP B 379 7.84 -2.79 22.38
CA ASP B 379 6.86 -2.89 21.32
C ASP B 379 7.26 -1.91 20.23
N THR B 380 7.77 -2.43 19.12
CA THR B 380 8.21 -1.59 18.02
C THR B 380 7.06 -0.74 17.48
N PHE B 381 5.87 -1.31 17.42
CA PHE B 381 4.68 -0.60 16.92
C PHE B 381 4.39 0.61 17.80
N ALA B 382 4.27 0.36 19.10
CA ALA B 382 3.98 1.40 20.08
C ALA B 382 5.05 2.49 20.04
N ALA B 383 6.32 2.08 19.94
CA ALA B 383 7.44 3.00 19.92
C ALA B 383 7.42 3.94 18.72
N SER B 384 7.14 3.41 17.53
CA SER B 384 7.10 4.21 16.31
C SER B 384 5.92 5.18 16.31
N LEU B 385 4.82 4.79 16.95
CA LEU B 385 3.67 5.69 17.10
C LEU B 385 4.03 6.89 17.97
N ALA B 386 4.73 6.64 19.07
CA ALA B 386 5.17 7.72 19.96
C ALA B 386 6.13 8.68 19.25
N ALA B 387 7.01 8.13 18.44
CA ALA B 387 7.94 8.94 17.64
C ALA B 387 7.19 9.80 16.62
N ALA B 388 6.06 9.28 16.13
CA ALA B 388 5.23 9.96 15.15
C ALA B 388 4.24 10.94 15.79
N GLY B 389 4.27 11.06 17.11
CA GLY B 389 3.49 12.06 17.81
C GLY B 389 2.11 11.61 18.26
N PHE B 390 2.00 10.32 18.60
CA PHE B 390 0.77 9.75 19.16
C PHE B 390 1.02 9.19 20.57
N HIS B 391 0.10 9.48 21.49
CA HIS B 391 0.03 8.73 22.74
C HIS B 391 -0.48 7.32 22.42
N VAL B 392 -0.02 6.32 23.17
CA VAL B 392 -0.41 4.93 22.94
C VAL B 392 -1.10 4.32 24.15
N VAL B 393 -2.23 3.67 23.92
CA VAL B 393 -3.02 3.05 24.99
C VAL B 393 -3.21 1.57 24.65
N MET B 394 -2.89 0.70 25.60
CA MET B 394 -2.78 -0.73 25.32
C MET B 394 -3.50 -1.55 26.39
N PRO B 395 -4.78 -1.80 26.17
CA PRO B 395 -5.62 -2.48 27.16
C PRO B 395 -5.53 -4.01 27.13
N ASN B 396 -5.29 -4.61 28.29
CA ASN B 396 -5.36 -6.04 28.44
C ASN B 396 -6.81 -6.47 28.60
N TYR B 397 -7.54 -6.47 27.49
CA TYR B 397 -8.92 -6.94 27.46
C TYR B 397 -9.01 -8.37 27.95
N ARG B 398 -10.21 -8.79 28.34
CA ARG B 398 -10.42 -10.16 28.82
C ARG B 398 -10.09 -11.16 27.71
N GLY B 399 -9.37 -12.21 28.10
CA GLY B 399 -8.71 -13.09 27.15
C GLY B 399 -7.21 -12.91 27.24
N SER B 400 -6.79 -11.80 27.83
CA SER B 400 -5.36 -11.51 28.01
C SER B 400 -4.73 -12.47 29.02
N THR B 401 -3.46 -12.76 28.80
CA THR B 401 -2.65 -13.46 29.77
C THR B 401 -2.14 -12.48 30.83
N GLY B 402 -1.65 -13.02 31.94
CA GLY B 402 -0.92 -12.24 32.92
C GLY B 402 -1.71 -11.69 34.09
N TYR B 403 -3.01 -11.95 34.14
CA TYR B 403 -3.84 -11.45 35.23
C TYR B 403 -4.80 -12.52 35.78
N GLY B 404 -4.50 -13.78 35.52
CA GLY B 404 -5.24 -14.88 36.11
C GLY B 404 -6.07 -15.65 35.12
N GLU B 405 -6.35 -16.90 35.46
CA GLU B 405 -7.12 -17.81 34.61
C GLU B 405 -8.54 -17.30 34.32
N GLU B 406 -9.14 -16.65 35.31
CA GLU B 406 -10.53 -16.22 35.23
C GLU B 406 -10.70 -15.15 34.15
N TRP B 407 -9.85 -14.14 34.22
CA TRP B 407 -9.81 -13.06 33.23
C TRP B 407 -9.51 -13.60 31.83
N ARG B 408 -8.60 -14.55 31.73
CA ARG B 408 -8.20 -15.09 30.43
C ARG B 408 -9.29 -15.92 29.76
N LEU B 409 -10.02 -16.72 30.53
CA LEU B 409 -11.01 -17.64 29.96
C LEU B 409 -12.36 -16.96 29.70
N LYS B 410 -12.51 -15.72 30.14
CA LYS B 410 -13.76 -14.99 29.95
C LYS B 410 -14.09 -14.76 28.48
N ILE B 411 -13.08 -14.78 27.62
CA ILE B 411 -13.28 -14.56 26.19
C ILE B 411 -13.89 -15.78 25.47
N ILE B 412 -13.68 -16.98 26.04
CA ILE B 412 -14.13 -18.23 25.41
C ILE B 412 -15.63 -18.25 25.13
N GLY B 413 -15.98 -18.54 23.87
CA GLY B 413 -17.36 -18.52 23.41
C GLY B 413 -17.95 -17.12 23.26
N ASP B 414 -17.10 -16.10 23.33
CA ASP B 414 -17.57 -14.72 23.33
C ASP B 414 -16.60 -13.76 22.65
N PRO B 415 -16.17 -14.08 21.43
CA PRO B 415 -15.40 -13.14 20.62
C PRO B 415 -16.31 -12.04 20.06
N CYS B 416 -15.79 -10.82 19.97
CA CYS B 416 -16.59 -9.64 19.67
C CYS B 416 -17.76 -9.54 20.64
N GLY B 417 -17.42 -9.43 21.93
CA GLY B 417 -18.38 -9.32 23.01
C GLY B 417 -17.76 -8.56 24.17
N GLY B 418 -17.51 -9.27 25.28
CA GLY B 418 -16.90 -8.67 26.45
C GLY B 418 -15.56 -7.97 26.22
N GLU B 419 -14.70 -8.60 25.41
CA GLU B 419 -13.36 -8.07 25.17
C GLU B 419 -13.39 -6.74 24.42
N LEU B 420 -14.33 -6.62 23.48
CA LEU B 420 -14.51 -5.38 22.72
C LEU B 420 -14.97 -4.26 23.64
N GLU B 421 -15.79 -4.61 24.63
CA GLU B 421 -16.27 -3.63 25.62
C GLU B 421 -15.11 -3.09 26.47
N ASP B 422 -14.11 -3.92 26.70
CA ASP B 422 -12.91 -3.48 27.42
C ASP B 422 -12.12 -2.48 26.58
N VAL B 423 -11.92 -2.80 25.31
CA VAL B 423 -11.17 -1.93 24.40
C VAL B 423 -11.90 -0.59 24.27
N SER B 424 -13.23 -0.65 24.23
CA SER B 424 -14.06 0.54 24.14
C SER B 424 -13.96 1.38 25.40
N ALA B 425 -13.89 0.71 26.54
CA ALA B 425 -13.78 1.39 27.83
C ALA B 425 -12.42 2.08 27.97
N ALA B 426 -11.38 1.44 27.44
CA ALA B 426 -10.03 2.04 27.42
C ALA B 426 -10.02 3.31 26.58
N ALA B 427 -10.79 3.30 25.50
CA ALA B 427 -10.89 4.44 24.62
C ALA B 427 -11.62 5.57 25.32
N ARG B 428 -12.66 5.22 26.07
CA ARG B 428 -13.43 6.21 26.81
C ARG B 428 -12.60 6.80 27.95
N TRP B 429 -11.77 5.99 28.58
CA TRP B 429 -10.93 6.48 29.67
C TRP B 429 -9.87 7.45 29.17
N ALA B 430 -9.34 7.21 27.97
CA ALA B 430 -8.30 8.08 27.42
C ALA B 430 -8.85 9.49 27.19
N ARG B 431 -10.11 9.55 26.78
CA ARG B 431 -10.81 10.82 26.62
C ARG B 431 -11.10 11.48 27.96
N GLU B 432 -11.71 10.74 28.87
CA GLU B 432 -12.21 11.31 30.13
C GLU B 432 -11.10 11.66 31.11
N SER B 433 -9.98 10.94 31.05
CA SER B 433 -8.84 11.20 31.92
C SER B 433 -8.06 12.44 31.50
N GLY B 434 -8.20 12.84 30.24
CA GLY B 434 -7.58 14.06 29.73
C GLY B 434 -6.40 13.83 28.79
N LEU B 435 -6.10 12.58 28.48
CA LEU B 435 -4.98 12.26 27.60
C LEU B 435 -5.26 12.44 26.10
N ALA B 436 -6.53 12.29 25.71
CA ALA B 436 -6.87 12.11 24.29
C ALA B 436 -7.75 13.23 23.70
N SER B 437 -7.23 13.88 22.66
CA SER B 437 -7.99 14.86 21.89
C SER B 437 -8.76 14.19 20.76
N GLU B 438 -8.16 13.16 20.17
CA GLU B 438 -8.84 12.31 19.20
C GLU B 438 -8.41 10.87 19.40
N LEU B 439 -9.21 9.94 18.89
CA LEU B 439 -8.99 8.51 19.15
C LEU B 439 -8.95 7.67 17.89
N TYR B 440 -7.95 6.81 17.78
CA TYR B 440 -7.86 5.82 16.70
C TYR B 440 -7.72 4.43 17.29
N ILE B 441 -8.03 3.42 16.47
CA ILE B 441 -7.77 2.03 16.83
C ILE B 441 -6.84 1.38 15.80
N MET B 442 -5.88 0.61 16.30
CA MET B 442 -4.87 -0.06 15.47
C MET B 442 -4.55 -1.41 16.08
N GLY B 443 -4.32 -2.42 15.24
CA GLY B 443 -4.08 -3.76 15.72
C GLY B 443 -3.66 -4.76 14.65
N TYR B 444 -2.93 -5.78 15.07
CA TYR B 444 -2.42 -6.82 14.19
C TYR B 444 -2.95 -8.20 14.63
N ALA B 445 -3.37 -9.00 13.66
CA ALA B 445 -4.02 -10.31 13.89
C ALA B 445 -5.34 -10.20 14.64
N TYR B 446 -5.42 -10.68 15.88
CA TYR B 446 -6.65 -10.54 16.66
C TYR B 446 -6.87 -9.06 17.01
N GLY B 447 -5.77 -8.30 17.05
CA GLY B 447 -5.85 -6.85 17.18
C GLY B 447 -6.55 -6.21 15.99
N GLY B 448 -6.23 -6.67 14.80
CA GLY B 448 -6.88 -6.22 13.58
C GLY B 448 -8.33 -6.67 13.52
N TYR B 449 -8.62 -7.83 14.10
CA TYR B 449 -9.98 -8.32 14.26
C TYR B 449 -10.77 -7.30 15.08
N MET B 450 -10.11 -6.77 16.11
CA MET B 450 -10.74 -5.82 17.03
C MET B 450 -10.96 -4.46 16.39
N THR B 451 -10.09 -4.10 15.46
CA THR B 451 -10.27 -2.88 14.69
C THR B 451 -11.57 -2.99 13.92
N LEU B 452 -11.73 -4.08 13.19
CA LEU B 452 -12.90 -4.32 12.35
C LEU B 452 -14.19 -4.43 13.16
N CYS B 453 -14.08 -5.02 14.35
CA CYS B 453 -15.24 -5.18 15.23
C CYS B 453 -15.64 -3.85 15.85
N ALA B 454 -14.65 -3.01 16.14
CA ALA B 454 -14.93 -1.67 16.70
C ALA B 454 -15.63 -0.78 15.69
N LEU B 455 -15.23 -0.88 14.42
CA LEU B 455 -15.77 -0.02 13.38
C LEU B 455 -17.15 -0.45 12.89
N THR B 456 -17.47 -1.74 13.07
CA THR B 456 -18.77 -2.27 12.65
C THR B 456 -19.79 -2.19 13.78
N MET B 457 -19.37 -2.59 14.98
CA MET B 457 -20.27 -2.69 16.12
C MET B 457 -20.33 -1.41 16.96
N LYS B 458 -19.26 -0.62 16.90
CA LYS B 458 -19.18 0.62 17.66
C LYS B 458 -18.80 1.80 16.78
N PRO B 459 -19.63 2.12 15.79
CA PRO B 459 -19.37 3.22 14.87
C PRO B 459 -19.45 4.56 15.62
N GLY B 460 -18.49 5.44 15.37
CA GLY B 460 -18.45 6.73 16.02
C GLY B 460 -17.51 6.81 17.21
N LEU B 461 -17.09 5.65 17.71
CA LEU B 461 -16.18 5.60 18.86
C LEU B 461 -14.79 6.11 18.49
N PHE B 462 -14.23 5.57 17.42
CA PHE B 462 -12.92 5.99 16.92
C PHE B 462 -13.06 6.85 15.66
N LYS B 463 -12.01 7.61 15.38
CA LYS B 463 -11.93 8.46 14.20
C LYS B 463 -11.58 7.65 12.96
N ALA B 464 -10.66 6.70 13.13
CA ALA B 464 -10.24 5.80 12.06
C ALA B 464 -9.61 4.55 12.63
N GLY B 465 -9.41 3.55 11.77
CA GLY B 465 -8.92 2.25 12.21
C GLY B 465 -7.91 1.62 11.28
N VAL B 466 -6.90 0.98 11.87
CA VAL B 466 -5.88 0.25 11.14
C VAL B 466 -5.95 -1.23 11.51
N ALA B 467 -6.06 -2.08 10.49
CA ALA B 467 -6.29 -3.51 10.68
C ALA B 467 -5.29 -4.31 9.87
N GLY B 468 -4.37 -4.98 10.56
CA GLY B 468 -3.31 -5.74 9.92
C GLY B 468 -3.51 -7.23 10.12
N ALA B 469 -3.10 -8.02 9.14
CA ALA B 469 -3.22 -9.49 9.19
C ALA B 469 -4.44 -9.94 10.00
N SER B 470 -5.61 -9.41 9.63
CA SER B 470 -6.80 -9.47 10.48
C SER B 470 -7.69 -10.67 10.23
N VAL B 471 -8.45 -11.03 11.26
CA VAL B 471 -9.53 -12.00 11.14
C VAL B 471 -10.73 -11.24 10.60
N VAL B 472 -11.34 -11.80 9.57
CA VAL B 472 -12.46 -11.17 8.87
C VAL B 472 -13.70 -12.03 8.96
N ASP B 473 -13.51 -13.32 8.69
CA ASP B 473 -14.60 -14.27 8.76
C ASP B 473 -14.12 -15.54 9.44
N TRP B 474 -14.77 -15.90 10.54
CA TRP B 474 -14.46 -17.16 11.21
C TRP B 474 -14.78 -18.35 10.30
N GLU B 475 -15.90 -18.29 9.59
CA GLU B 475 -16.38 -19.40 8.76
C GLU B 475 -15.40 -19.77 7.63
N GLU B 476 -15.07 -18.82 6.78
CA GLU B 476 -14.17 -19.09 5.64
C GLU B 476 -12.74 -19.39 6.11
N MET B 477 -12.30 -18.72 7.17
CA MET B 477 -10.97 -18.96 7.74
C MET B 477 -10.82 -20.44 8.15
N TYR B 478 -11.88 -20.99 8.76
CA TYR B 478 -11.89 -22.38 9.24
C TYR B 478 -11.72 -23.36 8.07
N GLU B 479 -12.32 -23.01 6.94
CA GLU B 479 -12.23 -23.77 5.70
C GLU B 479 -10.81 -23.87 5.16
N LEU B 480 -10.05 -22.78 5.31
CA LEU B 480 -8.68 -22.70 4.78
C LEU B 480 -7.63 -23.06 5.82
N SER B 481 -8.07 -23.42 7.02
CA SER B 481 -7.17 -23.62 8.16
C SER B 481 -6.69 -25.05 8.24
N ASP B 482 -5.45 -25.24 8.70
CA ASP B 482 -4.92 -26.57 8.97
C ASP B 482 -5.48 -27.12 10.29
N ALA B 483 -5.06 -28.32 10.66
CA ALA B 483 -5.62 -29.01 11.83
C ALA B 483 -5.46 -28.20 13.13
N ALA B 484 -4.35 -27.49 13.26
CA ALA B 484 -4.10 -26.72 14.48
C ALA B 484 -5.06 -25.56 14.62
N PHE B 485 -5.30 -24.87 13.52
CA PHE B 485 -6.06 -23.63 13.54
C PHE B 485 -7.56 -23.87 13.51
N ARG B 486 -7.99 -24.95 12.89
CA ARG B 486 -9.37 -25.38 12.94
C ARG B 486 -9.77 -25.60 14.40
N ASN B 487 -8.93 -26.33 15.13
CA ASN B 487 -9.19 -26.62 16.54
C ASN B 487 -9.22 -25.36 17.41
N PHE B 488 -8.29 -24.45 17.18
CA PHE B 488 -8.20 -23.22 17.97
C PHE B 488 -9.41 -22.31 17.73
N ILE B 489 -9.94 -22.34 16.51
CA ILE B 489 -11.16 -21.60 16.19
C ILE B 489 -12.38 -22.20 16.91
N GLU B 490 -12.43 -23.52 17.01
CA GLU B 490 -13.50 -24.21 17.75
C GLU B 490 -13.55 -23.78 19.21
N GLN B 491 -12.36 -23.64 19.81
CA GLN B 491 -12.24 -23.32 21.23
C GLN B 491 -12.74 -21.91 21.51
N LEU B 492 -12.28 -20.96 20.71
CA LEU B 492 -12.57 -19.55 20.95
C LEU B 492 -14.04 -19.23 20.70
N THR B 493 -14.64 -19.91 19.72
CA THR B 493 -16.02 -19.61 19.32
C THR B 493 -17.03 -20.53 20.00
N GLY B 494 -16.55 -21.48 20.80
CA GLY B 494 -17.45 -22.44 21.42
C GLY B 494 -18.01 -23.48 20.47
N GLY B 495 -17.55 -23.46 19.22
CA GLY B 495 -17.90 -24.49 18.26
C GLY B 495 -19.23 -24.27 17.54
N SER B 496 -19.94 -23.20 17.90
CA SER B 496 -21.24 -22.92 17.31
C SER B 496 -21.11 -22.07 16.05
N ARG B 497 -21.83 -22.46 15.01
CA ARG B 497 -21.84 -21.72 13.76
C ARG B 497 -22.57 -20.38 13.91
N GLU B 498 -23.48 -20.29 14.88
CA GLU B 498 -24.16 -19.03 15.15
C GLU B 498 -23.18 -17.97 15.59
N ILE B 499 -22.21 -18.37 16.42
CA ILE B 499 -21.18 -17.45 16.89
C ILE B 499 -20.19 -17.11 15.79
N MET B 500 -19.83 -18.09 14.97
CA MET B 500 -18.90 -17.89 13.88
C MET B 500 -19.42 -16.89 12.85
N ARG B 501 -20.73 -16.89 12.65
CA ARG B 501 -21.38 -16.01 11.68
C ARG B 501 -21.61 -14.62 12.28
N SER B 502 -22.25 -14.58 13.43
CA SER B 502 -22.68 -13.31 14.04
C SER B 502 -21.51 -12.46 14.52
N ARG B 503 -20.39 -13.09 14.85
CA ARG B 503 -19.24 -12.38 15.42
C ARG B 503 -18.16 -12.12 14.37
N SER B 504 -18.53 -12.25 13.10
CA SER B 504 -17.64 -11.95 11.99
C SER B 504 -17.97 -10.58 11.39
N PRO B 505 -17.00 -9.67 11.39
CA PRO B 505 -17.18 -8.32 10.80
C PRO B 505 -17.59 -8.29 9.33
N ILE B 506 -17.30 -9.34 8.58
CA ILE B 506 -17.67 -9.40 7.16
C ILE B 506 -19.19 -9.38 6.96
N ASN B 507 -19.94 -9.77 8.00
CA ASN B 507 -21.40 -9.78 7.95
C ASN B 507 -22.06 -8.48 8.45
N HIS B 508 -21.24 -7.49 8.80
CA HIS B 508 -21.75 -6.24 9.36
C HIS B 508 -21.10 -5.01 8.73
N VAL B 509 -20.71 -5.14 7.47
CA VAL B 509 -19.95 -4.10 6.77
C VAL B 509 -20.82 -2.86 6.49
N ASP B 510 -22.13 -3.06 6.38
CA ASP B 510 -23.08 -1.96 6.18
C ASP B 510 -23.06 -0.93 7.31
N ARG B 511 -22.57 -1.32 8.48
CA ARG B 511 -22.57 -0.45 9.66
C ARG B 511 -21.34 0.46 9.77
N ILE B 512 -20.35 0.25 8.92
CA ILE B 512 -19.08 0.99 9.01
C ILE B 512 -19.22 2.43 8.49
N LYS B 513 -18.67 3.38 9.24
CA LYS B 513 -18.74 4.79 8.84
C LYS B 513 -17.38 5.53 8.86
N GLU B 514 -16.37 4.94 9.45
CA GLU B 514 -15.05 5.59 9.56
C GLU B 514 -14.02 4.99 8.61
N PRO B 515 -13.06 5.81 8.17
CA PRO B 515 -11.95 5.34 7.33
C PRO B 515 -11.26 4.10 7.91
N LEU B 516 -10.92 3.16 7.04
CA LEU B 516 -10.29 1.91 7.40
C LEU B 516 -9.06 1.66 6.53
N ALA B 517 -7.93 1.30 7.14
CA ALA B 517 -6.75 0.88 6.40
C ALA B 517 -6.52 -0.60 6.64
N LEU B 518 -6.40 -1.36 5.56
CA LEU B 518 -6.13 -2.79 5.64
C LEU B 518 -4.69 -3.07 5.22
N ILE B 519 -3.99 -3.88 6.00
CA ILE B 519 -2.63 -4.29 5.69
C ILE B 519 -2.55 -5.80 5.89
N HIS B 520 -2.00 -6.53 4.90
CA HIS B 520 -2.05 -7.98 4.89
C HIS B 520 -0.93 -8.60 4.08
N PRO B 521 -0.15 -9.50 4.67
CA PRO B 521 0.79 -10.33 3.92
C PRO B 521 0.05 -11.34 3.04
N GLN B 522 0.43 -11.47 1.78
CA GLN B 522 -0.36 -12.25 0.81
C GLN B 522 -0.40 -13.74 1.10
N ASN B 523 0.68 -14.29 1.64
CA ASN B 523 0.77 -15.72 1.92
C ASN B 523 0.54 -16.09 3.39
N ASP B 524 -0.20 -15.26 4.10
CA ASP B 524 -0.55 -15.54 5.50
C ASP B 524 -1.37 -16.81 5.59
N SER B 525 -0.92 -17.75 6.41
CA SER B 525 -1.61 -19.03 6.57
C SER B 525 -2.38 -19.16 7.88
N ARG B 526 -2.29 -18.13 8.74
CA ARG B 526 -3.07 -18.07 9.98
C ARG B 526 -4.36 -17.29 9.73
N THR B 527 -4.20 -16.04 9.31
CA THR B 527 -5.30 -15.18 8.88
C THR B 527 -5.16 -14.95 7.38
N PRO B 528 -5.81 -15.77 6.57
CA PRO B 528 -5.55 -15.81 5.13
C PRO B 528 -6.09 -14.59 4.38
N LEU B 529 -5.48 -14.32 3.23
CA LEU B 529 -5.78 -13.12 2.45
C LEU B 529 -7.14 -13.24 1.75
N LYS B 530 -7.59 -14.46 1.50
CA LYS B 530 -8.78 -14.68 0.67
C LYS B 530 -10.03 -13.96 1.18
N PRO B 531 -10.40 -14.18 2.44
CA PRO B 531 -11.60 -13.51 2.97
C PRO B 531 -11.43 -11.99 3.01
N LEU B 532 -10.20 -11.52 3.12
CA LEU B 532 -9.92 -10.08 3.08
C LEU B 532 -10.20 -9.49 1.70
N LEU B 533 -9.92 -10.24 0.65
CA LEU B 533 -10.30 -9.84 -0.71
C LEU B 533 -11.82 -9.73 -0.82
N ARG B 534 -12.54 -10.61 -0.14
CA ARG B 534 -13.99 -10.54 -0.11
C ARG B 534 -14.46 -9.31 0.68
N LEU B 535 -13.76 -8.99 1.76
CA LEU B 535 -14.07 -7.79 2.55
C LEU B 535 -13.93 -6.53 1.70
N MET B 536 -12.86 -6.48 0.91
CA MET B 536 -12.65 -5.36 0.00
C MET B 536 -13.80 -5.26 -1.01
N GLY B 537 -14.26 -6.41 -1.49
CA GLY B 537 -15.41 -6.46 -2.38
C GLY B 537 -16.67 -5.88 -1.75
N GLU B 538 -16.83 -6.10 -0.45
CA GLU B 538 -17.98 -5.59 0.28
C GLU B 538 -17.89 -4.08 0.52
N LEU B 539 -16.71 -3.63 0.93
CA LEU B 539 -16.46 -2.21 1.17
C LEU B 539 -16.67 -1.41 -0.11
N LEU B 540 -16.14 -1.92 -1.22
CA LEU B 540 -16.31 -1.27 -2.52
C LEU B 540 -17.78 -1.16 -2.89
N ALA B 541 -18.49 -2.29 -2.81
CA ALA B 541 -19.88 -2.35 -3.26
C ALA B 541 -20.83 -1.51 -2.41
N ARG B 542 -20.41 -1.20 -1.19
CA ARG B 542 -21.26 -0.47 -0.26
C ARG B 542 -20.78 0.97 -0.05
N GLY B 543 -19.91 1.42 -0.94
CA GLY B 543 -19.46 2.81 -0.96
C GLY B 543 -18.65 3.26 0.24
N LYS B 544 -18.01 2.31 0.92
CA LYS B 544 -17.21 2.63 2.09
C LYS B 544 -15.81 3.10 1.71
N THR B 545 -15.29 4.03 2.51
CA THR B 545 -13.94 4.52 2.37
C THR B 545 -12.96 3.49 2.94
N PHE B 546 -12.03 3.02 2.11
CA PHE B 546 -10.98 2.11 2.59
C PHE B 546 -9.66 2.22 1.83
N GLU B 547 -8.62 1.75 2.50
CA GLU B 547 -7.26 1.72 1.98
C GLU B 547 -6.75 0.29 2.16
N ALA B 548 -5.89 -0.17 1.27
CA ALA B 548 -5.36 -1.53 1.38
C ALA B 548 -3.93 -1.65 0.90
N HIS B 549 -3.17 -2.51 1.58
CA HIS B 549 -1.77 -2.75 1.27
C HIS B 549 -1.46 -4.23 1.44
N ILE B 550 -1.19 -4.90 0.33
CA ILE B 550 -0.86 -6.31 0.32
C ILE B 550 0.64 -6.48 0.08
N ILE B 551 1.29 -7.26 0.93
CA ILE B 551 2.75 -7.39 0.92
C ILE B 551 3.13 -8.70 0.20
N PRO B 552 4.10 -8.64 -0.71
CA PRO B 552 4.48 -9.82 -1.49
C PRO B 552 5.43 -10.77 -0.77
N ASP B 553 5.33 -12.06 -1.10
CA ASP B 553 6.26 -13.07 -0.60
C ASP B 553 6.50 -12.92 0.89
N ALA B 554 5.40 -12.83 1.63
CA ALA B 554 5.46 -12.68 3.07
C ALA B 554 4.21 -13.24 3.74
N GLY B 555 4.35 -13.64 5.00
CA GLY B 555 3.25 -14.18 5.78
C GLY B 555 3.07 -13.51 7.13
N HIS B 556 2.46 -14.23 8.05
CA HIS B 556 2.11 -13.68 9.37
C HIS B 556 3.32 -13.28 10.20
N ALA B 557 4.41 -14.02 10.04
CA ALA B 557 5.61 -13.82 10.84
C ALA B 557 6.67 -13.13 10.02
N ILE B 558 6.97 -11.88 10.37
CA ILE B 558 7.98 -11.11 9.64
C ILE B 558 9.38 -11.56 10.04
N ASN B 559 10.25 -11.74 9.06
CA ASN B 559 11.64 -12.12 9.33
C ASN B 559 12.68 -11.33 8.53
N THR B 560 12.26 -10.28 7.83
CA THR B 560 13.19 -9.30 7.28
C THR B 560 12.79 -7.89 7.73
N MET B 561 13.73 -6.97 7.65
CA MET B 561 13.48 -5.59 8.05
CA MET B 561 13.47 -5.59 8.05
C MET B 561 12.74 -4.85 6.92
N GLU B 562 12.89 -5.35 5.70
CA GLU B 562 12.18 -4.82 4.55
C GLU B 562 10.69 -5.07 4.70
N ASP B 563 10.37 -6.28 5.18
CA ASP B 563 8.97 -6.71 5.32
C ASP B 563 8.31 -6.02 6.51
N ALA B 564 9.09 -5.76 7.56
CA ALA B 564 8.60 -5.06 8.74
C ALA B 564 8.23 -3.62 8.39
N VAL B 565 9.08 -2.99 7.57
CA VAL B 565 8.82 -1.65 7.08
C VAL B 565 7.52 -1.62 6.25
N LYS B 566 7.29 -2.68 5.49
CA LYS B 566 6.16 -2.73 4.56
C LYS B 566 4.83 -2.89 5.29
N ILE B 567 4.87 -3.49 6.48
CA ILE B 567 3.63 -3.64 7.26
C ILE B 567 3.41 -2.54 8.30
N LEU B 568 4.44 -1.76 8.62
CA LEU B 568 4.29 -0.73 9.65
C LEU B 568 4.26 0.68 9.07
N LEU B 569 5.00 0.91 7.99
CA LEU B 569 5.09 2.23 7.37
C LEU B 569 3.75 2.77 6.87
N PRO B 570 2.97 1.96 6.17
CA PRO B 570 1.67 2.44 5.65
C PRO B 570 0.68 2.76 6.76
N ALA B 571 0.81 2.07 7.89
CA ALA B 571 -0.06 2.29 9.05
C ALA B 571 0.19 3.65 9.68
N VAL B 572 1.46 3.98 9.90
CA VAL B 572 1.82 5.25 10.53
C VAL B 572 1.55 6.42 9.57
N PHE B 573 1.80 6.21 8.28
CA PHE B 573 1.45 7.20 7.25
C PHE B 573 -0.04 7.49 7.30
N PHE B 574 -0.83 6.43 7.44
CA PHE B 574 -2.29 6.54 7.38
C PHE B 574 -2.84 7.34 8.57
N LEU B 575 -2.27 7.10 9.75
CA LEU B 575 -2.76 7.74 10.96
C LEU B 575 -2.27 9.18 11.06
N ALA B 576 -1.11 9.46 10.47
CA ALA B 576 -0.59 10.83 10.40
C ALA B 576 -1.39 11.64 9.39
N THR B 577 -1.91 10.96 8.38
CA THR B 577 -2.78 11.59 7.38
C THR B 577 -4.09 12.01 8.00
N GLN B 578 -4.66 11.14 8.84
CA GLN B 578 -5.95 11.41 9.47
C GLN B 578 -5.83 12.49 10.53
N ARG B 579 -4.64 12.63 11.09
CA ARG B 579 -4.37 13.64 12.11
C ARG B 579 -4.24 15.01 11.49
N GLU B 580 -3.65 15.05 10.29
CA GLU B 580 -3.52 16.29 9.53
C GLU B 580 -4.89 16.82 9.14
N ARG B 581 -5.94 16.05 9.39
CA ARG B 581 -7.19 16.43 8.80
C ARG B 581 -8.44 16.16 9.58
C BE2 C . -10.07 10.09 -21.98
OXT BE2 C . -8.88 10.30 -22.26
C1 BE2 C . -10.90 11.16 -21.30
CA BE2 C . -10.66 12.50 -21.54
C3 BE2 C . -11.42 13.46 -20.91
N BE2 C . -9.70 12.86 -22.38
C4 BE2 C . -12.42 13.09 -20.02
C5 BE2 C . -12.66 11.74 -19.78
C6 BE2 C . -11.90 10.78 -20.42
N GLY D . -10.73 8.94 -22.20
CA GLY D . -9.93 7.71 -22.42
C GLY D . -9.27 7.17 -21.16
O GLY D . -9.55 7.61 -20.04
N PHE E . -8.41 6.18 -21.35
CA PHE E . -7.77 5.46 -20.27
C PHE E . -6.35 5.98 -20.08
O PHE E . -5.39 5.29 -20.45
CB PHE E . -7.75 3.96 -20.58
CG PHE E . -9.10 3.40 -20.92
CD1 PHE E . -9.31 2.75 -22.13
CD2 PHE E . -10.15 3.53 -20.04
CE1 PHE E . -10.56 2.24 -22.44
CE2 PHE E . -11.40 3.02 -20.35
CZ PHE E . -11.60 2.37 -21.54
OXT PHE E . -6.12 7.07 -19.55
C BE2 F . -0.43 -18.61 18.06
OXT BE2 F . -0.48 -17.57 18.74
C1 BE2 F . 0.89 -19.28 17.72
CA BE2 F . 1.96 -19.31 18.61
C3 BE2 F . 3.14 -19.93 18.24
N BE2 F . 1.85 -18.72 19.80
C4 BE2 F . 3.26 -20.54 17.00
C5 BE2 F . 2.19 -20.51 16.11
C6 BE2 F . 1.01 -19.89 16.47
N GLY G . -1.49 -19.22 17.54
CA GLY G . -2.75 -18.47 17.34
C GLY G . -2.60 -17.23 16.49
O GLY G . -1.73 -17.14 15.62
N PHE H . -3.47 -16.26 16.74
CA PHE H . -3.53 -15.04 15.96
C PHE H . -2.96 -13.89 16.77
O PHE H . -3.56 -12.83 16.91
CB PHE H . -4.99 -14.76 15.57
CG PHE H . -5.76 -15.98 15.12
CD1 PHE H . -6.56 -16.67 16.01
CD2 PHE H . -5.69 -16.43 13.81
CE1 PHE H . -7.28 -17.79 15.60
CE2 PHE H . -6.40 -17.54 13.40
CZ PHE H . -7.19 -18.22 14.30
OXT PHE H . -1.86 -14.02 17.32
#